data_2DPH
#
_entry.id   2DPH
#
_cell.length_a   90.229
_cell.length_b   90.229
_cell.length_c   226.689
_cell.angle_alpha   90.00
_cell.angle_beta   90.00
_cell.angle_gamma   90.00
#
_symmetry.space_group_name_H-M   'I 41'
#
loop_
_entity.id
_entity.type
_entity.pdbx_description
1 polymer 'Formaldehyde dismutase'
2 non-polymer 'ZINC ION'
3 non-polymer NICOTINAMIDE-ADENINE-DINUCLEOTIDE
4 water water
#
_entity_poly.entity_id   1
_entity_poly.type   'polypeptide(L)'
_entity_poly.pdbx_seq_one_letter_code
;AGNKSVVYHGTRDLRVETVPYPKLEHNNRKLEHAVILKVVSTNICGSDQHIYRGRFIVPKGHVLGHEITGEVVEKGSDVE
LMDIGDLVSVPFNVACGRCRNCKEARSDVCENNLVNPDADLGAFGFDLKGWSGGQAEYVLVPYADYMLLKFGDKEQAMEK
IKDLTLISDILPTGFHGCVSAGVKPGSHVYIAGAGPVGRCAAAGARLLGAACVIVGDQNPERLKLLSDAGFETIDLRNSA
PLRDQIDQILGKPEVDCGVDAVGFEAHGLGDEANTETPNGALNSLFDVVRAGGAIGIPGIYVGSDPDPVNKDAGSGRLHL
DFGKMWTKSIRIMTGMAPVTNYNRHLTEAILWDQMPYLSKVMNIEVITLDQAPDGYAKFDKGSPAKFVIDPHGMLKNK
;
_entity_poly.pdbx_strand_id   A,B
#
loop_
_chem_comp.id
_chem_comp.type
_chem_comp.name
_chem_comp.formula
NAD non-polymer NICOTINAMIDE-ADENINE-DINUCLEOTIDE 'C21 H27 N7 O14 P2'
ZN non-polymer 'ZINC ION' 'Zn 2'
#
# COMPACT_ATOMS: atom_id res chain seq x y z
N ALA A 1 -30.08 6.67 -37.75
CA ALA A 1 -29.20 5.76 -38.55
C ALA A 1 -28.21 5.02 -37.65
N GLY A 2 -27.32 4.25 -38.27
CA GLY A 2 -26.28 3.52 -37.54
C GLY A 2 -25.25 4.39 -36.83
N ASN A 3 -24.64 3.81 -35.81
CA ASN A 3 -23.61 4.48 -35.02
C ASN A 3 -22.24 3.87 -35.32
N LYS A 4 -21.44 4.62 -36.10
CA LYS A 4 -20.10 4.20 -36.50
C LYS A 4 -19.18 4.15 -35.27
N SER A 5 -18.58 2.98 -35.06
CA SER A 5 -17.86 2.67 -33.83
C SER A 5 -16.58 1.90 -34.14
N VAL A 6 -15.65 1.91 -33.18
CA VAL A 6 -14.45 1.06 -33.24
C VAL A 6 -14.76 -0.25 -32.53
N VAL A 7 -14.76 -1.34 -33.29
CA VAL A 7 -15.22 -2.64 -32.80
C VAL A 7 -14.08 -3.68 -32.76
N TYR A 8 -13.98 -4.39 -31.64
CA TYR A 8 -12.97 -5.42 -31.47
C TYR A 8 -13.45 -6.73 -32.10
N HIS A 9 -12.63 -7.29 -32.98
CA HIS A 9 -12.93 -8.56 -33.62
C HIS A 9 -11.88 -9.63 -33.32
N GLY A 10 -10.77 -9.21 -32.74
CA GLY A 10 -9.69 -10.12 -32.39
C GLY A 10 -8.37 -9.39 -32.22
N THR A 11 -7.34 -10.13 -31.82
CA THR A 11 -6.00 -9.59 -31.61
C THR A 11 -5.54 -8.80 -32.83
N ARG A 12 -5.29 -7.50 -32.61
CA ARG A 12 -4.84 -6.58 -33.65
C ARG A 12 -5.80 -6.47 -34.85
N ASP A 13 -7.07 -6.79 -34.60
CA ASP A 13 -8.12 -6.74 -35.60
C ASP A 13 -9.29 -5.88 -35.13
N LEU A 14 -9.20 -4.58 -35.42
CA LEU A 14 -10.27 -3.65 -35.10
C LEU A 14 -10.95 -3.21 -36.39
N ARG A 15 -12.26 -2.98 -36.31
CA ARG A 15 -13.04 -2.60 -37.48
C ARG A 15 -13.96 -1.43 -37.18
N VAL A 16 -13.81 -0.37 -37.97
CA VAL A 16 -14.69 0.79 -37.89
C VAL A 16 -15.95 0.45 -38.68
N GLU A 17 -17.04 0.20 -37.94
CA GLU A 17 -18.29 -0.20 -38.57
C GLU A 17 -19.50 0.37 -37.82
N THR A 18 -20.63 0.33 -38.51
CA THR A 18 -21.90 0.81 -37.97
C THR A 18 -22.50 -0.21 -37.00
N VAL A 19 -23.09 0.33 -35.94
CA VAL A 19 -23.76 -0.44 -34.91
C VAL A 19 -25.10 0.26 -34.66
N PRO A 20 -26.16 -0.49 -34.28
CA PRO A 20 -27.43 0.16 -33.94
C PRO A 20 -27.25 1.35 -33.00
N TYR A 21 -27.90 2.46 -33.34
CA TYR A 21 -27.86 3.70 -32.54
C TYR A 21 -28.16 3.43 -31.06
N PRO A 22 -27.43 4.10 -30.14
CA PRO A 22 -27.63 3.84 -28.72
C PRO A 22 -29.01 4.24 -28.20
N LYS A 23 -29.64 3.31 -27.47
CA LYS A 23 -30.89 3.56 -26.76
C LYS A 23 -30.59 3.84 -25.30
N LEU A 24 -31.52 4.51 -24.62
CA LEU A 24 -31.41 4.76 -23.19
C LEU A 24 -31.80 3.50 -22.41
N GLU A 25 -30.98 2.47 -22.57
CA GLU A 25 -31.35 1.11 -22.19
C GLU A 25 -30.09 0.25 -21.97
N HIS A 26 -30.16 -0.66 -20.99
CA HIS A 26 -29.05 -1.57 -20.68
C HIS A 26 -29.62 -2.89 -20.13
N ASN A 27 -29.27 -3.99 -20.79
CA ASN A 27 -29.86 -5.32 -20.51
C ASN A 27 -31.40 -5.28 -20.59
N ASN A 28 -31.90 -4.66 -21.67
CA ASN A 28 -33.35 -4.49 -21.94
C ASN A 28 -34.09 -3.61 -20.93
N ARG A 29 -33.35 -3.12 -19.93
CA ARG A 29 -33.91 -2.29 -18.86
C ARG A 29 -33.78 -0.81 -19.22
N LYS A 30 -34.88 -0.07 -19.03
CA LYS A 30 -34.96 1.35 -19.36
C LYS A 30 -34.20 2.20 -18.35
N LEU A 31 -33.38 3.14 -18.83
CA LEU A 31 -32.54 3.96 -17.95
C LEU A 31 -32.99 5.41 -17.89
N GLU A 32 -33.70 5.74 -16.82
CA GLU A 32 -34.26 7.08 -16.59
C GLU A 32 -33.17 8.13 -16.36
N HIS A 33 -32.05 7.66 -15.80
CA HIS A 33 -30.96 8.51 -15.33
C HIS A 33 -29.91 8.73 -16.42
N ALA A 34 -30.10 8.07 -17.56
CA ALA A 34 -29.11 8.04 -18.63
C ALA A 34 -29.25 9.16 -19.67
N VAL A 35 -28.23 9.25 -20.52
CA VAL A 35 -28.07 10.28 -21.53
C VAL A 35 -27.39 9.67 -22.76
N ILE A 36 -27.68 10.22 -23.94
CA ILE A 36 -26.91 9.89 -25.14
C ILE A 36 -26.02 11.09 -25.46
N LEU A 37 -24.79 10.80 -25.86
CA LEU A 37 -23.83 11.84 -26.21
C LEU A 37 -23.40 11.77 -27.67
N LYS A 38 -23.40 12.91 -28.34
CA LYS A 38 -22.66 13.06 -29.59
C LYS A 38 -21.21 13.31 -29.19
N VAL A 39 -20.31 12.46 -29.68
CA VAL A 39 -18.91 12.48 -29.24
C VAL A 39 -18.12 13.60 -29.92
N VAL A 40 -17.57 14.50 -29.10
CA VAL A 40 -16.75 15.62 -29.59
C VAL A 40 -15.30 15.16 -29.82
N SER A 41 -14.72 14.53 -28.80
CA SER A 41 -13.38 13.97 -28.89
C SER A 41 -13.32 12.69 -28.06
N THR A 42 -12.55 11.72 -28.56
CA THR A 42 -12.46 10.40 -27.95
C THR A 42 -11.08 9.79 -28.20
N ASN A 43 -10.32 9.59 -27.12
CA ASN A 43 -8.90 9.24 -27.24
C ASN A 43 -8.62 7.73 -27.29
N ILE A 44 -7.40 7.39 -27.70
CA ILE A 44 -6.86 6.02 -27.61
C ILE A 44 -5.90 5.95 -26.41
N CYS A 45 -6.07 4.91 -25.61
CA CYS A 45 -5.32 4.74 -24.36
C CYS A 45 -4.45 3.49 -24.36
N GLY A 46 -3.48 3.45 -23.45
CA GLY A 46 -2.66 2.25 -23.20
C GLY A 46 -3.49 1.05 -22.79
N SER A 47 -4.58 1.32 -22.06
CA SER A 47 -5.55 0.29 -21.68
C SER A 47 -6.25 -0.33 -22.89
N ASP A 48 -6.57 0.50 -23.89
CA ASP A 48 -7.10 0.01 -25.16
C ASP A 48 -6.07 -0.86 -25.89
N GLN A 49 -4.79 -0.51 -25.72
CA GLN A 49 -3.70 -1.27 -26.32
C GLN A 49 -3.57 -2.68 -25.73
N HIS A 50 -3.74 -2.81 -24.40
CA HIS A 50 -3.83 -4.14 -23.76
C HIS A 50 -4.88 -5.03 -24.46
N ILE A 51 -6.04 -4.45 -24.74
CA ILE A 51 -7.12 -5.14 -25.45
C ILE A 51 -6.66 -5.47 -26.87
N TYR A 52 -6.14 -4.46 -27.56
CA TYR A 52 -5.64 -4.57 -28.93
C TYR A 52 -4.61 -5.69 -29.13
N ARG A 53 -3.71 -5.84 -28.15
CA ARG A 53 -2.68 -6.88 -28.20
C ARG A 53 -3.22 -8.26 -27.78
N GLY A 54 -4.50 -8.32 -27.40
CA GLY A 54 -5.11 -9.54 -26.90
C GLY A 54 -4.68 -9.91 -25.48
N ARG A 55 -4.33 -8.90 -24.68
CA ARG A 55 -3.87 -9.14 -23.31
C ARG A 55 -4.94 -8.84 -22.26
N PHE A 56 -6.00 -8.15 -22.68
CA PHE A 56 -7.16 -7.90 -21.85
C PHE A 56 -8.37 -8.34 -22.66
N ILE A 57 -9.08 -9.36 -22.17
CA ILE A 57 -10.17 -9.98 -22.93
C ILE A 57 -11.47 -9.18 -22.85
N VAL A 58 -12.04 -8.91 -24.02
CA VAL A 58 -13.42 -8.43 -24.17
C VAL A 58 -14.10 -9.35 -25.20
N PRO A 59 -15.46 -9.36 -25.25
CA PRO A 59 -16.11 -10.22 -26.25
C PRO A 59 -15.96 -9.68 -27.66
N LYS A 60 -16.01 -10.57 -28.65
CA LYS A 60 -16.04 -10.15 -30.06
C LYS A 60 -17.26 -9.27 -30.29
N GLY A 61 -17.04 -8.13 -30.93
CA GLY A 61 -18.12 -7.17 -31.16
C GLY A 61 -18.17 -6.01 -30.19
N HIS A 62 -17.36 -6.07 -29.12
CA HIS A 62 -17.35 -5.00 -28.12
C HIS A 62 -16.79 -3.69 -28.69
N VAL A 63 -17.47 -2.59 -28.38
CA VAL A 63 -17.04 -1.26 -28.81
C VAL A 63 -16.01 -0.71 -27.83
N LEU A 64 -14.91 -0.20 -28.36
CA LEU A 64 -13.78 0.26 -27.54
C LEU A 64 -13.83 1.75 -27.27
N GLY A 65 -13.11 2.18 -26.23
CA GLY A 65 -12.96 3.60 -25.93
C GLY A 65 -13.60 4.03 -24.62
N HIS A 66 -12.82 4.74 -23.80
CA HIS A 66 -13.32 5.20 -22.51
C HIS A 66 -12.80 6.59 -22.14
N GLU A 67 -12.36 7.34 -23.16
CA GLU A 67 -11.88 8.70 -22.95
C GLU A 67 -12.76 9.69 -23.70
N ILE A 68 -13.97 9.90 -23.18
CA ILE A 68 -15.04 10.59 -23.91
C ILE A 68 -15.28 12.01 -23.43
N THR A 69 -15.26 12.94 -24.38
CA THR A 69 -15.84 14.27 -24.24
C THR A 69 -16.97 14.35 -25.28
N GLY A 70 -18.13 14.83 -24.87
CA GLY A 70 -19.29 14.87 -25.76
C GLY A 70 -20.32 15.94 -25.46
N GLU A 71 -21.31 16.03 -26.34
CA GLU A 71 -22.45 16.92 -26.11
C GLU A 71 -23.73 16.14 -25.92
N VAL A 72 -24.51 16.53 -24.92
CA VAL A 72 -25.80 15.91 -24.63
C VAL A 72 -26.78 16.12 -25.79
N VAL A 73 -27.27 15.02 -26.36
CA VAL A 73 -28.25 15.07 -27.45
C VAL A 73 -29.60 14.43 -27.09
N GLU A 74 -29.59 13.58 -26.07
CA GLU A 74 -30.81 12.95 -25.56
C GLU A 74 -30.65 12.71 -24.06
N LYS A 75 -31.73 12.92 -23.30
CA LYS A 75 -31.73 12.65 -21.86
C LYS A 75 -33.01 11.96 -21.41
N GLY A 76 -32.86 11.05 -20.45
CA GLY A 76 -34.00 10.38 -19.82
C GLY A 76 -34.75 11.31 -18.90
N SER A 77 -35.78 10.76 -18.25
CA SER A 77 -36.68 11.54 -17.40
C SER A 77 -36.02 12.08 -16.13
N ASP A 78 -35.06 11.34 -15.59
CA ASP A 78 -34.37 11.73 -14.36
C ASP A 78 -32.95 12.25 -14.60
N VAL A 79 -32.86 13.26 -15.46
CA VAL A 79 -31.62 13.99 -15.69
C VAL A 79 -31.96 15.47 -15.50
N GLU A 80 -31.58 16.03 -14.35
CA GLU A 80 -32.00 17.37 -13.97
C GLU A 80 -30.88 18.42 -14.01
N LEU A 81 -29.64 17.96 -14.11
CA LEU A 81 -28.48 18.86 -14.10
C LEU A 81 -27.85 19.07 -15.48
N MET A 82 -28.20 18.21 -16.43
CA MET A 82 -27.74 18.31 -17.82
C MET A 82 -28.87 18.74 -18.74
N ASP A 83 -28.55 19.60 -19.71
CA ASP A 83 -29.46 19.98 -20.78
C ASP A 83 -28.91 19.51 -22.12
N ILE A 84 -29.80 19.35 -23.11
CA ILE A 84 -29.37 19.09 -24.48
C ILE A 84 -28.45 20.21 -24.96
N GLY A 85 -27.32 19.84 -25.55
CA GLY A 85 -26.35 20.80 -26.04
C GLY A 85 -25.19 21.04 -25.08
N ASP A 86 -25.30 20.51 -23.86
CA ASP A 86 -24.27 20.67 -22.83
C ASP A 86 -23.01 19.90 -23.18
N LEU A 87 -21.88 20.59 -23.10
CA LEU A 87 -20.57 20.00 -23.28
C LEU A 87 -20.12 19.37 -21.97
N VAL A 88 -19.82 18.07 -22.01
CA VAL A 88 -19.51 17.30 -20.81
C VAL A 88 -18.25 16.44 -20.96
N SER A 89 -17.61 16.16 -19.83
CA SER A 89 -16.53 15.18 -19.74
C SER A 89 -17.06 13.93 -19.04
N VAL A 90 -16.75 12.76 -19.59
CA VAL A 90 -17.21 11.49 -19.02
C VAL A 90 -16.06 10.80 -18.30
N PRO A 91 -16.21 10.57 -16.98
CA PRO A 91 -15.25 9.71 -16.26
C PRO A 91 -15.25 8.33 -16.88
N PHE A 92 -14.08 7.73 -17.02
CA PHE A 92 -13.99 6.40 -17.61
C PHE A 92 -14.67 5.35 -16.72
N ASN A 93 -14.70 5.63 -15.41
CA ASN A 93 -15.40 4.80 -14.44
C ASN A 93 -16.91 4.85 -14.69
N VAL A 94 -17.53 3.69 -14.84
CA VAL A 94 -18.99 3.63 -14.78
C VAL A 94 -19.39 3.49 -13.31
N ALA A 95 -20.14 4.48 -12.83
CA ALA A 95 -20.43 4.61 -11.41
C ALA A 95 -21.83 5.17 -11.19
N CYS A 96 -22.55 4.56 -10.26
CA CYS A 96 -23.96 4.87 -10.03
C CYS A 96 -24.20 6.09 -9.17
N GLY A 97 -23.27 6.37 -8.25
CA GLY A 97 -23.44 7.45 -7.28
C GLY A 97 -24.43 7.16 -6.17
N ARG A 98 -24.84 5.90 -6.04
CA ARG A 98 -25.90 5.52 -5.11
C ARG A 98 -25.51 4.40 -4.14
N CYS A 99 -24.51 3.61 -4.51
CA CYS A 99 -24.02 2.53 -3.66
C CYS A 99 -23.07 3.06 -2.57
N ARG A 100 -22.74 2.20 -1.61
CA ARG A 100 -21.86 2.55 -0.49
C ARG A 100 -20.51 3.16 -0.94
N ASN A 101 -19.82 2.48 -1.86
CA ASN A 101 -18.54 2.97 -2.38
C ASN A 101 -18.63 4.33 -3.08
N CYS A 102 -19.61 4.47 -4.00
CA CYS A 102 -19.85 5.76 -4.66
C CYS A 102 -20.16 6.89 -3.67
N LYS A 103 -20.98 6.57 -2.66
CA LYS A 103 -21.37 7.54 -1.63
C LYS A 103 -20.20 7.95 -0.73
N GLU A 104 -19.15 7.12 -0.70
CA GLU A 104 -17.92 7.43 0.04
C GLU A 104 -16.81 7.91 -0.90
N ALA A 105 -17.21 8.55 -2.00
CA ALA A 105 -16.29 9.07 -3.02
C ALA A 105 -15.28 8.03 -3.55
N ARG A 106 -15.76 6.80 -3.76
CA ARG A 106 -14.94 5.73 -4.33
C ARG A 106 -15.60 5.15 -5.58
N SER A 107 -15.82 6.02 -6.56
CA SER A 107 -16.50 5.66 -7.82
C SER A 107 -15.61 4.81 -8.73
N ASP A 108 -14.34 4.66 -8.35
CA ASP A 108 -13.45 3.71 -9.01
C ASP A 108 -13.90 2.25 -8.80
N VAL A 109 -14.56 1.99 -7.67
CA VAL A 109 -15.03 0.64 -7.34
C VAL A 109 -16.53 0.57 -7.04
N CYS A 110 -17.35 1.01 -8.00
CA CYS A 110 -18.81 0.94 -7.88
C CYS A 110 -19.27 -0.50 -7.62
N GLU A 111 -20.12 -0.67 -6.60
CA GLU A 111 -20.61 -1.98 -6.16
C GLU A 111 -21.98 -2.33 -6.74
N ASN A 112 -22.61 -1.37 -7.43
CA ASN A 112 -23.93 -1.58 -8.02
C ASN A 112 -23.92 -2.74 -9.04
N ASN A 113 -24.69 -3.78 -8.75
CA ASN A 113 -24.78 -4.95 -9.63
C ASN A 113 -25.40 -4.65 -11.00
N LEU A 114 -26.12 -3.53 -11.11
CA LEU A 114 -26.68 -3.07 -12.38
C LEU A 114 -25.62 -2.41 -13.29
N VAL A 115 -24.47 -2.06 -12.68
CA VAL A 115 -23.32 -1.55 -13.42
C VAL A 115 -22.44 -2.72 -13.86
N ASN A 116 -22.15 -3.62 -12.91
CA ASN A 116 -21.37 -4.81 -13.13
C ASN A 116 -21.85 -5.88 -12.14
N PRO A 117 -22.46 -6.97 -12.65
CA PRO A 117 -23.06 -7.99 -11.77
C PRO A 117 -22.04 -8.82 -10.99
N ASP A 118 -20.79 -8.80 -11.43
CA ASP A 118 -19.75 -9.59 -10.78
C ASP A 118 -18.85 -8.71 -9.92
N ALA A 119 -17.67 -8.35 -10.44
CA ALA A 119 -16.70 -7.56 -9.68
C ALA A 119 -17.23 -6.15 -9.35
N ASP A 120 -16.69 -5.56 -8.29
CA ASP A 120 -17.06 -4.21 -7.87
C ASP A 120 -16.23 -3.16 -8.62
N LEU A 121 -16.56 -2.95 -9.89
CA LEU A 121 -15.96 -1.88 -10.71
C LEU A 121 -16.62 -1.78 -12.08
N GLY A 122 -16.74 -0.54 -12.57
CA GLY A 122 -17.33 -0.26 -13.88
C GLY A 122 -16.43 0.60 -14.74
N ALA A 123 -16.46 0.35 -16.05
CA ALA A 123 -15.67 1.10 -17.02
C ALA A 123 -16.17 0.88 -18.45
N PHE A 124 -16.23 1.96 -19.23
CA PHE A 124 -16.57 1.86 -20.67
C PHE A 124 -15.48 1.11 -21.43
N GLY A 125 -15.89 0.37 -22.46
CA GLY A 125 -14.95 -0.25 -23.41
C GLY A 125 -14.03 -1.32 -22.85
N PHE A 126 -14.33 -1.82 -21.66
CA PHE A 126 -13.56 -2.89 -21.03
C PHE A 126 -14.44 -4.09 -20.72
N ASP A 127 -15.66 -4.07 -21.24
CA ASP A 127 -16.71 -5.01 -20.84
C ASP A 127 -16.77 -5.15 -19.30
N LEU A 128 -17.05 -4.02 -18.63
CA LEU A 128 -17.18 -4.01 -17.17
C LEU A 128 -18.43 -3.25 -16.69
N LYS A 129 -19.63 -3.82 -16.85
CA LYS A 129 -19.87 -5.02 -17.64
C LYS A 129 -20.91 -4.67 -18.71
N GLY A 130 -20.55 -4.88 -19.98
CA GLY A 130 -21.47 -4.64 -21.09
C GLY A 130 -21.80 -3.20 -21.42
N TRP A 131 -20.92 -2.28 -21.04
CA TRP A 131 -21.04 -0.87 -21.45
C TRP A 131 -20.17 -0.62 -22.67
N SER A 132 -20.81 -0.21 -23.77
CA SER A 132 -20.11 0.11 -25.01
C SER A 132 -19.15 1.27 -24.86
N GLY A 133 -18.00 1.14 -25.51
CA GLY A 133 -16.99 2.20 -25.55
C GLY A 133 -17.41 3.44 -26.30
N GLY A 134 -16.64 4.50 -26.15
CA GLY A 134 -16.95 5.78 -26.74
C GLY A 134 -16.13 6.17 -27.95
N GLN A 135 -15.35 5.23 -28.49
CA GLN A 135 -14.69 5.43 -29.78
C GLN A 135 -15.72 5.21 -30.88
N ALA A 136 -16.56 6.23 -31.04
CA ALA A 136 -17.77 6.15 -31.85
C ALA A 136 -18.32 7.55 -32.06
N GLU A 137 -19.38 7.65 -32.85
CA GLU A 137 -20.07 8.91 -33.11
C GLU A 137 -20.99 9.27 -31.94
N TYR A 138 -21.56 8.26 -31.31
CA TYR A 138 -22.49 8.44 -30.19
C TYR A 138 -22.20 7.42 -29.08
N VAL A 139 -22.56 7.78 -27.85
CA VAL A 139 -22.32 6.91 -26.70
C VAL A 139 -23.39 7.06 -25.62
N LEU A 140 -23.82 5.93 -25.06
CA LEU A 140 -24.71 5.89 -23.90
C LEU A 140 -23.94 6.09 -22.59
N VAL A 141 -24.42 7.03 -21.76
CA VAL A 141 -23.86 7.29 -20.42
C VAL A 141 -24.97 7.24 -19.36
N PRO A 142 -24.87 6.26 -18.44
CA PRO A 142 -25.86 6.14 -17.37
C PRO A 142 -25.54 7.04 -16.18
N TYR A 143 -26.51 7.25 -15.31
CA TYR A 143 -26.35 8.05 -14.09
C TYR A 143 -25.68 9.39 -14.40
N ALA A 144 -26.20 10.04 -15.45
CA ALA A 144 -25.61 11.26 -16.04
C ALA A 144 -25.39 12.40 -15.06
N ASP A 145 -26.37 12.64 -14.19
CA ASP A 145 -26.30 13.71 -13.19
C ASP A 145 -25.12 13.53 -12.23
N TYR A 146 -24.84 12.28 -11.87
CA TYR A 146 -23.68 11.95 -11.05
C TYR A 146 -22.40 11.86 -11.87
N MET A 147 -22.44 11.07 -12.95
CA MET A 147 -21.27 10.80 -13.79
C MET A 147 -20.65 12.03 -14.44
N LEU A 148 -21.46 12.86 -15.09
CA LEU A 148 -20.93 13.87 -16.00
C LEU A 148 -20.34 15.10 -15.32
N LEU A 149 -19.22 15.57 -15.87
CA LEU A 149 -18.66 16.87 -15.51
C LEU A 149 -18.96 17.86 -16.63
N LYS A 150 -19.80 18.85 -16.33
CA LYS A 150 -20.21 19.85 -17.31
C LYS A 150 -19.25 21.03 -17.31
N PHE A 151 -18.74 21.37 -18.49
CA PHE A 151 -17.98 22.60 -18.67
C PHE A 151 -18.94 23.78 -18.77
N GLY A 152 -18.95 24.62 -17.73
CA GLY A 152 -19.87 25.77 -17.64
C GLY A 152 -19.82 26.71 -18.84
N ASP A 153 -18.60 27.08 -19.23
CA ASP A 153 -18.36 27.95 -20.37
C ASP A 153 -17.94 27.09 -21.57
N LYS A 154 -18.91 26.79 -22.43
CA LYS A 154 -18.71 25.87 -23.56
C LYS A 154 -17.63 26.33 -24.55
N GLU A 155 -17.65 27.62 -24.90
CA GLU A 155 -16.68 28.18 -25.85
C GLU A 155 -15.25 28.22 -25.29
N GLN A 156 -15.12 28.65 -24.03
CA GLN A 156 -13.82 28.64 -23.35
C GLN A 156 -13.26 27.23 -23.30
N ALA A 157 -14.11 26.28 -22.92
CA ALA A 157 -13.73 24.86 -22.84
C ALA A 157 -13.23 24.32 -24.18
N MET A 158 -13.96 24.63 -25.26
CA MET A 158 -13.62 24.15 -26.62
C MET A 158 -12.29 24.69 -27.13
N GLU A 159 -11.91 25.88 -26.69
CA GLU A 159 -10.60 26.44 -27.05
C GLU A 159 -9.44 25.72 -26.36
N LYS A 160 -9.75 24.99 -25.29
CA LYS A 160 -8.75 24.17 -24.58
C LYS A 160 -9.10 22.68 -24.65
N ILE A 161 -9.80 22.28 -25.70
CA ILE A 161 -10.30 20.90 -25.85
C ILE A 161 -9.17 19.83 -25.92
N LYS A 162 -8.01 20.21 -26.42
CA LYS A 162 -6.87 19.30 -26.52
C LYS A 162 -6.27 18.95 -25.16
N ASP A 163 -6.43 19.86 -24.19
CA ASP A 163 -6.07 19.61 -22.81
C ASP A 163 -7.23 18.95 -22.05
N LEU A 164 -8.44 19.46 -22.27
CA LEU A 164 -9.63 18.98 -21.54
C LEU A 164 -10.11 17.59 -21.96
N THR A 165 -9.71 17.15 -23.17
CA THR A 165 -10.02 15.77 -23.61
C THR A 165 -9.31 14.71 -22.74
N LEU A 166 -8.40 15.18 -21.90
CA LEU A 166 -7.62 14.31 -21.00
C LEU A 166 -8.28 14.18 -19.63
N ILE A 167 -9.30 15.01 -19.38
CA ILE A 167 -10.02 15.07 -18.11
C ILE A 167 -10.91 13.83 -17.88
N SER A 168 -11.20 13.10 -18.95
CA SER A 168 -12.02 11.90 -18.88
C SER A 168 -11.32 10.72 -18.21
N ASP A 169 -9.99 10.71 -18.26
CA ASP A 169 -9.22 9.55 -17.83
C ASP A 169 -7.79 9.88 -17.40
N ILE A 170 -6.91 10.12 -18.37
CA ILE A 170 -5.46 9.99 -18.12
C ILE A 170 -4.81 11.09 -17.27
N LEU A 171 -5.34 12.32 -17.33
CA LEU A 171 -4.85 13.37 -16.43
C LEU A 171 -5.23 13.07 -14.97
N PRO A 172 -6.55 12.88 -14.68
CA PRO A 172 -6.94 12.45 -13.33
C PRO A 172 -6.25 11.17 -12.85
N THR A 173 -5.96 10.25 -13.77
CA THR A 173 -5.29 8.99 -13.43
C THR A 173 -3.83 9.20 -13.01
N GLY A 174 -3.08 9.95 -13.82
CA GLY A 174 -1.69 10.28 -13.52
C GLY A 174 -1.58 11.14 -12.28
N PHE A 175 -2.50 12.10 -12.16
CA PHE A 175 -2.62 12.97 -11.01
C PHE A 175 -2.94 12.17 -9.73
N HIS A 176 -3.88 11.23 -9.84
CA HIS A 176 -4.20 10.30 -8.75
C HIS A 176 -2.99 9.47 -8.28
N GLY A 177 -2.18 9.01 -9.23
CA GLY A 177 -0.92 8.31 -8.94
C GLY A 177 0.01 9.13 -8.08
N CYS A 178 0.13 10.41 -8.41
CA CYS A 178 0.92 11.38 -7.64
C CYS A 178 0.33 11.66 -6.25
N VAL A 179 -0.93 12.09 -6.23
CA VAL A 179 -1.59 12.40 -4.97
C VAL A 179 -1.58 11.21 -3.98
N SER A 180 -1.86 10.01 -4.48
CA SER A 180 -1.86 8.81 -3.63
C SER A 180 -0.46 8.43 -3.11
N ALA A 181 0.58 8.85 -3.84
CA ALA A 181 1.98 8.68 -3.39
C ALA A 181 2.45 9.83 -2.51
N GLY A 182 1.56 10.77 -2.22
CA GLY A 182 1.85 11.93 -1.40
C GLY A 182 2.69 13.00 -2.07
N VAL A 183 2.64 13.09 -3.39
CA VAL A 183 3.33 14.17 -4.12
C VAL A 183 2.74 15.52 -3.73
N LYS A 184 3.59 16.41 -3.24
CA LYS A 184 3.19 17.73 -2.74
C LYS A 184 4.31 18.73 -3.02
N PRO A 185 4.10 20.03 -2.71
CA PRO A 185 5.21 20.97 -3.00
C PRO A 185 6.54 20.56 -2.36
N GLY A 186 7.61 20.61 -3.17
CA GLY A 186 8.96 20.26 -2.73
C GLY A 186 9.32 18.79 -2.84
N SER A 187 8.35 17.97 -3.29
CA SER A 187 8.55 16.53 -3.42
C SER A 187 9.58 16.16 -4.47
N HIS A 188 10.30 15.07 -4.21
CA HIS A 188 11.12 14.42 -5.23
C HIS A 188 10.41 13.16 -5.72
N VAL A 189 10.17 13.10 -7.02
CA VAL A 189 9.30 12.09 -7.61
C VAL A 189 10.00 11.30 -8.72
N TYR A 190 9.89 9.98 -8.69
CA TYR A 190 10.20 9.17 -9.85
C TYR A 190 8.95 8.51 -10.42
N ILE A 191 8.76 8.69 -11.73
CA ILE A 191 7.65 8.10 -12.47
C ILE A 191 8.20 7.08 -13.47
N ALA A 192 7.73 5.84 -13.35
CA ALA A 192 8.01 4.80 -14.33
C ALA A 192 6.99 4.88 -15.47
N GLY A 193 7.47 5.14 -16.69
CA GLY A 193 6.61 5.19 -17.88
C GLY A 193 6.41 6.58 -18.45
N ALA A 194 6.74 6.74 -19.73
CA ALA A 194 6.56 8.02 -20.42
C ALA A 194 5.55 7.93 -21.58
N GLY A 195 4.61 7.00 -21.45
CA GLY A 195 3.42 7.02 -22.29
C GLY A 195 2.52 8.16 -21.84
N PRO A 196 1.39 8.37 -22.53
CA PRO A 196 0.48 9.48 -22.21
C PRO A 196 0.07 9.57 -20.73
N VAL A 197 -0.11 8.42 -20.07
CA VAL A 197 -0.42 8.39 -18.63
C VAL A 197 0.77 8.91 -17.78
N GLY A 198 1.97 8.41 -18.06
CA GLY A 198 3.17 8.85 -17.34
C GLY A 198 3.48 10.31 -17.57
N ARG A 199 3.16 10.81 -18.76
CA ARG A 199 3.38 12.21 -19.10
C ARG A 199 2.38 13.12 -18.36
N CYS A 200 1.15 12.63 -18.17
CA CYS A 200 0.14 13.30 -17.37
C CYS A 200 0.47 13.28 -15.87
N ALA A 201 1.12 12.20 -15.43
CA ALA A 201 1.62 12.11 -14.07
C ALA A 201 2.69 13.17 -13.82
N ALA A 202 3.64 13.27 -14.75
CA ALA A 202 4.66 14.34 -14.75
C ALA A 202 4.07 15.75 -14.73
N ALA A 203 3.11 16.02 -15.61
CA ALA A 203 2.40 17.30 -15.60
C ALA A 203 1.65 17.55 -14.29
N GLY A 204 1.03 16.50 -13.74
CA GLY A 204 0.33 16.59 -12.45
C GLY A 204 1.27 16.90 -11.28
N ALA A 205 2.42 16.23 -11.27
CA ALA A 205 3.46 16.49 -10.28
C ALA A 205 3.96 17.93 -10.32
N ARG A 206 4.17 18.48 -11.52
CA ARG A 206 4.53 19.91 -11.63
C ARG A 206 3.43 20.80 -11.06
N LEU A 207 2.17 20.50 -11.39
CA LEU A 207 1.03 21.28 -10.88
C LEU A 207 0.94 21.22 -9.35
N LEU A 208 1.27 20.06 -8.78
CA LEU A 208 1.33 19.85 -7.34
C LEU A 208 2.48 20.61 -6.65
N GLY A 209 3.46 21.02 -7.44
CA GLY A 209 4.58 21.83 -6.94
C GLY A 209 5.80 21.03 -6.54
N ALA A 210 5.95 19.84 -7.10
CA ALA A 210 7.11 18.98 -6.86
C ALA A 210 8.41 19.67 -7.23
N ALA A 211 9.43 19.50 -6.39
CA ALA A 211 10.75 20.06 -6.65
C ALA A 211 11.43 19.39 -7.84
N CYS A 212 11.55 18.06 -7.77
CA CYS A 212 12.28 17.29 -8.78
C CYS A 212 11.41 16.17 -9.32
N VAL A 213 11.13 16.20 -10.61
CA VAL A 213 10.28 15.19 -11.26
C VAL A 213 11.12 14.46 -12.29
N ILE A 214 11.31 13.16 -12.06
CA ILE A 214 12.13 12.33 -12.95
C ILE A 214 11.24 11.25 -13.55
N VAL A 215 11.33 11.11 -14.87
CA VAL A 215 10.55 10.10 -15.59
C VAL A 215 11.48 9.17 -16.34
N GLY A 216 11.29 7.87 -16.13
CA GLY A 216 12.07 6.86 -16.84
C GLY A 216 11.27 6.07 -17.86
N ASP A 217 11.91 5.76 -18.99
CA ASP A 217 11.33 4.95 -20.07
C ASP A 217 12.44 4.42 -20.96
N GLN A 218 12.22 3.24 -21.55
CA GLN A 218 13.12 2.68 -22.54
C GLN A 218 12.99 3.42 -23.87
N ASN A 219 11.84 4.07 -24.06
CA ASN A 219 11.49 4.79 -25.29
C ASN A 219 12.04 6.22 -25.27
N PRO A 220 13.02 6.52 -26.15
CA PRO A 220 13.63 7.85 -26.19
C PRO A 220 12.73 8.97 -26.72
N GLU A 221 11.99 8.71 -27.80
CA GLU A 221 11.04 9.69 -28.39
C GLU A 221 10.05 10.19 -27.35
N ARG A 222 9.51 9.27 -26.55
CA ARG A 222 8.53 9.60 -25.53
C ARG A 222 9.13 10.47 -24.41
N LEU A 223 10.38 10.18 -24.06
CA LEU A 223 11.09 10.94 -23.03
C LEU A 223 11.45 12.36 -23.46
N LYS A 224 11.75 12.54 -24.75
CA LYS A 224 12.13 13.85 -25.27
C LYS A 224 11.03 14.90 -25.13
N LEU A 225 9.78 14.46 -25.17
CA LEU A 225 8.63 15.35 -24.93
C LEU A 225 8.73 15.96 -23.55
N LEU A 226 9.13 15.14 -22.57
CA LEU A 226 9.35 15.56 -21.20
C LEU A 226 10.62 16.40 -21.03
N SER A 227 11.71 15.98 -21.68
CA SER A 227 13.00 16.68 -21.66
C SER A 227 12.89 18.12 -22.14
N ASP A 228 12.17 18.28 -23.25
CA ASP A 228 11.99 19.59 -23.88
C ASP A 228 11.17 20.53 -23.01
N ALA A 229 10.41 19.97 -22.07
CA ALA A 229 9.58 20.77 -21.15
C ALA A 229 10.21 20.92 -19.77
N GLY A 230 11.51 20.65 -19.66
CA GLY A 230 12.25 20.86 -18.43
C GLY A 230 12.10 19.79 -17.35
N PHE A 231 11.51 18.65 -17.71
CA PHE A 231 11.45 17.51 -16.81
C PHE A 231 12.75 16.70 -16.91
N GLU A 232 13.12 16.03 -15.82
CA GLU A 232 14.29 15.15 -15.83
C GLU A 232 13.89 13.79 -16.39
N THR A 233 14.77 13.19 -17.18
CA THR A 233 14.50 11.89 -17.80
C THR A 233 15.66 10.91 -17.64
N ILE A 234 15.32 9.63 -17.47
CA ILE A 234 16.31 8.56 -17.46
C ILE A 234 16.02 7.54 -18.57
N ASP A 235 17.00 7.35 -19.44
CA ASP A 235 16.97 6.31 -20.46
C ASP A 235 17.16 4.93 -19.81
N LEU A 236 16.10 4.12 -19.79
CA LEU A 236 16.12 2.85 -19.08
C LEU A 236 16.81 1.72 -19.84
N ARG A 237 17.33 2.04 -21.02
CA ARG A 237 18.19 1.13 -21.76
C ARG A 237 19.62 1.13 -21.19
N ASN A 238 19.97 2.20 -20.45
CA ASN A 238 21.29 2.29 -19.80
C ASN A 238 21.53 1.16 -18.82
N SER A 239 22.78 0.68 -18.78
CA SER A 239 23.18 -0.46 -17.94
C SER A 239 23.25 -0.12 -16.44
N ALA A 240 23.61 1.12 -16.13
CA ALA A 240 23.75 1.57 -14.75
C ALA A 240 22.46 1.37 -13.94
N PRO A 241 22.58 1.08 -12.63
CA PRO A 241 21.41 0.94 -11.76
C PRO A 241 20.60 2.24 -11.68
N LEU A 242 19.28 2.12 -11.59
CA LEU A 242 18.38 3.27 -11.59
C LEU A 242 18.65 4.23 -10.42
N ARG A 243 18.87 3.68 -9.23
CA ARG A 243 19.20 4.46 -8.04
C ARG A 243 20.37 5.44 -8.28
N ASP A 244 21.41 4.94 -8.93
CA ASP A 244 22.61 5.73 -9.25
C ASP A 244 22.34 6.78 -10.31
N GLN A 245 21.54 6.43 -11.31
CA GLN A 245 21.11 7.38 -12.33
C GLN A 245 20.24 8.48 -11.72
N ILE A 246 19.40 8.12 -10.76
CA ILE A 246 18.64 9.10 -9.98
C ILE A 246 19.58 9.97 -9.14
N ASP A 247 20.55 9.33 -8.47
CA ASP A 247 21.58 10.03 -7.70
C ASP A 247 22.25 11.16 -8.49
N GLN A 248 22.59 10.88 -9.74
CA GLN A 248 23.23 11.86 -10.64
C GLN A 248 22.37 13.08 -10.92
N ILE A 249 21.06 12.91 -10.92
CA ILE A 249 20.13 14.03 -11.13
C ILE A 249 19.85 14.75 -9.82
N LEU A 250 19.56 13.97 -8.78
CA LEU A 250 18.99 14.49 -7.54
C LEU A 250 20.01 14.82 -6.44
N GLY A 251 21.07 14.02 -6.33
CA GLY A 251 22.03 14.16 -5.25
C GLY A 251 21.77 13.14 -4.16
N LYS A 252 20.71 12.36 -4.35
CA LYS A 252 20.35 11.23 -3.50
C LYS A 252 19.84 10.08 -4.37
N PRO A 253 20.16 8.82 -3.98
CA PRO A 253 19.77 7.68 -4.82
C PRO A 253 18.35 7.19 -4.50
N GLU A 254 17.53 8.06 -3.94
CA GLU A 254 16.17 7.70 -3.51
C GLU A 254 15.22 8.89 -3.69
N VAL A 255 13.94 8.57 -3.90
CA VAL A 255 12.89 9.58 -4.06
C VAL A 255 11.85 9.48 -2.95
N ASP A 256 11.08 10.54 -2.75
CA ASP A 256 9.99 10.53 -1.78
C ASP A 256 8.80 9.72 -2.29
N CYS A 257 8.56 9.79 -3.60
CA CYS A 257 7.32 9.31 -4.20
C CYS A 257 7.60 8.54 -5.48
N GLY A 258 7.00 7.35 -5.58
CA GLY A 258 7.11 6.53 -6.78
C GLY A 258 5.76 6.34 -7.46
N VAL A 259 5.74 6.50 -8.77
CA VAL A 259 4.52 6.32 -9.55
C VAL A 259 4.74 5.30 -10.67
N ASP A 260 3.94 4.24 -10.64
CA ASP A 260 3.98 3.18 -11.65
C ASP A 260 2.94 3.46 -12.74
N ALA A 261 3.38 4.07 -13.84
CA ALA A 261 2.50 4.35 -14.97
C ALA A 261 2.77 3.42 -16.15
N VAL A 262 3.04 2.15 -15.83
CA VAL A 262 3.38 1.16 -16.85
C VAL A 262 2.33 0.05 -16.94
N GLY A 263 2.20 -0.74 -15.88
CA GLY A 263 1.28 -1.86 -15.86
C GLY A 263 1.92 -3.20 -16.16
N PHE A 264 1.09 -4.22 -16.36
CA PHE A 264 1.52 -5.62 -16.42
C PHE A 264 2.34 -6.04 -17.65
N GLU A 265 2.36 -5.20 -18.69
CA GLU A 265 3.20 -5.46 -19.86
C GLU A 265 4.55 -4.74 -19.77
N ALA A 266 5.01 -4.53 -18.54
CA ALA A 266 6.27 -3.86 -18.27
C ALA A 266 7.47 -4.60 -18.88
N HIS A 267 8.49 -3.82 -19.23
CA HIS A 267 9.77 -4.35 -19.69
C HIS A 267 10.83 -4.18 -18.60
N GLY A 268 11.97 -4.83 -18.78
CA GLY A 268 13.08 -4.77 -17.82
C GLY A 268 13.98 -3.56 -18.02
N LEU A 269 15.08 -3.53 -17.28
CA LEU A 269 16.02 -2.42 -17.31
C LEU A 269 17.36 -2.81 -17.91
N GLY A 270 17.96 -1.88 -18.65
CA GLY A 270 19.29 -2.06 -19.20
C GLY A 270 19.38 -3.10 -20.30
N ASP A 271 19.94 -4.24 -19.98
CA ASP A 271 20.13 -5.30 -20.96
C ASP A 271 18.84 -6.08 -21.18
N GLU A 272 17.93 -6.01 -20.19
CA GLU A 272 16.63 -6.65 -20.29
C GLU A 272 15.50 -5.69 -20.71
N ALA A 273 15.89 -4.61 -21.39
CA ALA A 273 14.96 -3.54 -21.79
C ALA A 273 14.00 -3.93 -22.91
N ASN A 274 14.36 -4.98 -23.65
CA ASN A 274 13.53 -5.50 -24.73
C ASN A 274 12.85 -6.80 -24.30
N THR A 275 12.99 -7.13 -23.03
CA THR A 275 12.37 -8.30 -22.42
C THR A 275 11.18 -7.85 -21.58
N GLU A 276 10.03 -8.49 -21.81
CA GLU A 276 8.83 -8.22 -21.03
C GLU A 276 8.96 -8.88 -19.66
N THR A 277 8.70 -8.11 -18.61
CA THR A 277 8.67 -8.65 -17.25
C THR A 277 7.62 -7.91 -16.42
N PRO A 278 6.57 -8.62 -15.98
CA PRO A 278 5.44 -7.97 -15.32
C PRO A 278 5.81 -7.35 -13.97
N ASN A 279 6.99 -7.70 -13.44
CA ASN A 279 7.49 -7.14 -12.18
C ASN A 279 8.51 -6.01 -12.35
N GLY A 280 8.79 -5.65 -13.60
CA GLY A 280 9.86 -4.70 -13.95
C GLY A 280 9.73 -3.31 -13.36
N ALA A 281 8.55 -2.72 -13.49
CA ALA A 281 8.29 -1.38 -12.96
C ALA A 281 8.13 -1.37 -11.44
N LEU A 282 7.44 -2.39 -10.93
CA LEU A 282 7.15 -2.50 -9.50
C LEU A 282 8.42 -2.64 -8.65
N ASN A 283 9.29 -3.57 -9.04
CA ASN A 283 10.55 -3.79 -8.32
C ASN A 283 11.50 -2.60 -8.37
N SER A 284 11.48 -1.85 -9.47
CA SER A 284 12.30 -0.64 -9.60
C SER A 284 11.87 0.43 -8.59
N LEU A 285 10.55 0.56 -8.40
CA LEU A 285 9.98 1.48 -7.42
C LEU A 285 10.24 1.02 -5.98
N PHE A 286 10.15 -0.29 -5.74
CA PHE A 286 10.48 -0.83 -4.42
C PHE A 286 11.94 -0.52 -4.06
N ASP A 287 12.78 -0.38 -5.09
CA ASP A 287 14.19 -0.07 -4.92
C ASP A 287 14.45 1.43 -4.70
N VAL A 288 13.91 2.27 -5.58
CA VAL A 288 14.24 3.71 -5.58
C VAL A 288 13.47 4.59 -4.60
N VAL A 289 12.36 4.10 -4.04
CA VAL A 289 11.60 4.87 -3.06
C VAL A 289 12.25 4.74 -1.68
N ARG A 290 12.35 5.88 -0.99
CA ARG A 290 13.06 5.97 0.28
C ARG A 290 12.24 5.39 1.43
N ALA A 291 12.92 5.19 2.56
CA ALA A 291 12.28 4.80 3.81
C ALA A 291 11.34 5.89 4.28
N GLY A 292 10.07 5.51 4.50
CA GLY A 292 9.04 6.47 4.85
C GLY A 292 8.32 7.03 3.63
N GLY A 293 8.67 6.51 2.45
CA GLY A 293 8.09 6.96 1.19
C GLY A 293 6.78 6.30 0.84
N ALA A 294 6.28 6.59 -0.35
CA ALA A 294 4.98 6.07 -0.79
C ALA A 294 4.92 5.86 -2.31
N ILE A 295 4.11 4.90 -2.72
CA ILE A 295 3.98 4.53 -4.13
C ILE A 295 2.53 4.59 -4.58
N GLY A 296 2.34 5.16 -5.77
CA GLY A 296 1.05 5.12 -6.47
C GLY A 296 1.21 4.30 -7.73
N ILE A 297 0.23 3.46 -8.03
CA ILE A 297 0.30 2.55 -9.16
C ILE A 297 -0.93 2.71 -10.08
N PRO A 298 -0.96 3.79 -10.89
CA PRO A 298 -2.03 3.94 -11.87
C PRO A 298 -2.00 2.91 -13.01
N GLY A 299 -0.82 2.35 -13.31
CA GLY A 299 -0.71 1.29 -14.32
C GLY A 299 -1.52 0.07 -13.93
N ILE A 300 -2.17 -0.55 -14.91
CA ILE A 300 -3.06 -1.69 -14.66
C ILE A 300 -2.30 -2.99 -14.44
N TYR A 301 -2.75 -3.75 -13.43
CA TYR A 301 -2.35 -5.12 -13.21
C TYR A 301 -3.60 -5.99 -13.10
N VAL A 302 -3.59 -7.13 -13.78
CA VAL A 302 -4.79 -7.94 -13.93
C VAL A 302 -4.73 -9.24 -13.13
N GLY A 303 -5.90 -9.71 -12.69
CA GLY A 303 -6.01 -10.97 -11.98
C GLY A 303 -5.79 -12.18 -12.88
N SER A 304 -5.89 -11.94 -14.19
CA SER A 304 -5.72 -12.98 -15.20
C SER A 304 -5.15 -12.40 -16.50
N ASP A 305 -4.14 -13.07 -17.04
CA ASP A 305 -3.47 -12.68 -18.28
C ASP A 305 -3.44 -13.88 -19.25
N PRO A 306 -4.15 -13.76 -20.41
CA PRO A 306 -4.26 -14.85 -21.39
C PRO A 306 -2.95 -15.21 -22.12
N ASP A 307 -2.01 -14.28 -22.21
CA ASP A 307 -0.71 -14.55 -22.83
C ASP A 307 0.46 -14.04 -21.99
N PRO A 308 0.70 -14.65 -20.82
CA PRO A 308 1.71 -14.16 -19.88
C PRO A 308 3.13 -14.59 -20.25
N VAL A 309 4.12 -13.97 -19.63
CA VAL A 309 5.52 -14.30 -19.89
C VAL A 309 6.02 -15.47 -19.02
N ASN A 310 5.29 -15.75 -17.95
CA ASN A 310 5.48 -16.95 -17.13
C ASN A 310 4.14 -17.39 -16.51
N LYS A 311 4.08 -18.62 -16.03
CA LYS A 311 2.82 -19.24 -15.58
C LYS A 311 2.17 -18.51 -14.40
N ASP A 312 2.99 -18.06 -13.45
CA ASP A 312 2.52 -17.26 -12.31
C ASP A 312 1.79 -15.99 -12.75
N ALA A 313 2.38 -15.27 -13.69
CA ALA A 313 1.80 -14.03 -14.24
C ALA A 313 0.43 -14.24 -14.88
N GLY A 314 0.17 -15.47 -15.34
CA GLY A 314 -1.12 -15.85 -15.94
C GLY A 314 -2.30 -15.69 -15.01
N SER A 315 -2.06 -15.89 -13.71
CA SER A 315 -3.07 -15.68 -12.69
C SER A 315 -2.77 -14.43 -11.84
N GLY A 316 -2.00 -13.51 -12.41
CA GLY A 316 -1.69 -12.24 -11.75
C GLY A 316 -0.83 -12.38 -10.50
N ARG A 317 -0.03 -13.44 -10.45
CA ARG A 317 0.91 -13.66 -9.35
C ARG A 317 2.29 -13.19 -9.78
N LEU A 318 2.77 -12.13 -9.13
CA LEU A 318 4.03 -11.52 -9.53
C LEU A 318 5.13 -11.77 -8.49
N HIS A 319 6.38 -11.71 -8.94
CA HIS A 319 7.51 -11.98 -8.08
C HIS A 319 8.10 -10.63 -7.66
N LEU A 320 7.75 -10.22 -6.44
CA LEU A 320 7.96 -8.85 -5.99
C LEU A 320 8.91 -8.78 -4.80
N ASP A 321 9.80 -7.78 -4.85
CA ASP A 321 10.73 -7.51 -3.77
C ASP A 321 10.01 -6.85 -2.59
N PHE A 322 9.09 -7.61 -2.00
CA PHE A 322 8.24 -7.14 -0.91
C PHE A 322 9.02 -6.91 0.39
N GLY A 323 10.06 -7.71 0.59
CA GLY A 323 10.93 -7.58 1.75
C GLY A 323 11.68 -6.26 1.82
N LYS A 324 12.27 -5.87 0.69
CA LYS A 324 12.96 -4.59 0.54
C LYS A 324 12.00 -3.43 0.80
N MET A 325 10.82 -3.53 0.20
CA MET A 325 9.77 -2.54 0.34
C MET A 325 9.26 -2.44 1.79
N TRP A 326 8.93 -3.58 2.39
CA TRP A 326 8.47 -3.65 3.79
C TRP A 326 9.44 -2.97 4.77
N THR A 327 10.73 -3.24 4.62
CA THR A 327 11.76 -2.74 5.54
C THR A 327 11.81 -1.21 5.54
N LYS A 328 11.35 -0.62 4.44
CA LYS A 328 11.33 0.84 4.28
C LYS A 328 10.01 1.50 4.70
N SER A 329 9.10 0.73 5.30
CA SER A 329 7.79 1.22 5.73
C SER A 329 7.09 2.05 4.62
N ILE A 330 7.10 1.50 3.41
CA ILE A 330 6.52 2.17 2.26
C ILE A 330 5.01 1.90 2.21
N ARG A 331 4.25 2.93 1.83
CA ARG A 331 2.80 2.83 1.60
C ARG A 331 2.54 2.66 0.10
N ILE A 332 1.53 1.86 -0.23
CA ILE A 332 1.16 1.61 -1.62
C ILE A 332 -0.33 1.79 -1.87
N MET A 333 -0.66 2.53 -2.93
CA MET A 333 -2.04 2.63 -3.41
C MET A 333 -2.14 2.08 -4.83
N THR A 334 -3.25 1.38 -5.12
CA THR A 334 -3.45 0.68 -6.39
C THR A 334 -4.83 0.98 -6.97
N GLY A 335 -5.09 0.45 -8.16
CA GLY A 335 -6.44 0.43 -8.75
C GLY A 335 -6.79 1.52 -9.75
N MET A 336 -7.96 1.37 -10.37
CA MET A 336 -8.53 2.39 -11.25
C MET A 336 -8.63 3.69 -10.46
N ALA A 337 -8.31 4.81 -11.12
CA ALA A 337 -8.44 6.11 -10.47
C ALA A 337 -9.92 6.50 -10.38
N PRO A 338 -10.33 7.06 -9.22
CA PRO A 338 -11.67 7.63 -9.10
C PRO A 338 -11.69 9.03 -9.72
N VAL A 339 -11.97 9.09 -11.02
CA VAL A 339 -11.82 10.32 -11.83
C VAL A 339 -12.64 11.50 -11.29
N THR A 340 -13.84 11.20 -10.77
CA THR A 340 -14.76 12.21 -10.22
C THR A 340 -14.17 13.01 -9.06
N ASN A 341 -13.22 12.41 -8.33
CA ASN A 341 -12.55 13.10 -7.21
C ASN A 341 -11.61 14.24 -7.65
N TYR A 342 -11.17 14.20 -8.90
CA TYR A 342 -10.13 15.12 -9.39
C TYR A 342 -10.52 15.95 -10.62
N ASN A 343 -11.54 15.52 -11.36
CA ASN A 343 -11.82 16.12 -12.67
C ASN A 343 -12.21 17.61 -12.65
N ARG A 344 -12.97 18.01 -11.63
CA ARG A 344 -13.37 19.41 -11.49
C ARG A 344 -12.18 20.33 -11.17
N HIS A 345 -11.36 19.92 -10.20
CA HIS A 345 -10.17 20.69 -9.83
C HIS A 345 -9.16 20.82 -10.95
N LEU A 346 -8.91 19.72 -11.66
CA LEU A 346 -7.95 19.72 -12.77
C LEU A 346 -8.45 20.55 -13.97
N THR A 347 -9.77 20.55 -14.17
CA THR A 347 -10.41 21.40 -15.18
C THR A 347 -10.17 22.88 -14.84
N GLU A 348 -10.37 23.24 -13.57
CA GLU A 348 -10.15 24.60 -13.08
C GLU A 348 -8.70 25.05 -13.28
N ALA A 349 -7.76 24.14 -13.03
CA ALA A 349 -6.34 24.43 -13.22
C ALA A 349 -6.01 24.69 -14.69
N ILE A 350 -6.61 23.93 -15.59
CA ILE A 350 -6.43 24.14 -17.03
C ILE A 350 -7.07 25.45 -17.49
N LEU A 351 -8.33 25.65 -17.14
CA LEU A 351 -9.08 26.86 -17.53
C LEU A 351 -8.44 28.17 -17.08
N TRP A 352 -7.70 28.11 -15.97
CA TRP A 352 -7.03 29.29 -15.42
C TRP A 352 -5.54 29.32 -15.75
N ASP A 353 -5.17 28.60 -16.80
CA ASP A 353 -3.82 28.61 -17.39
C ASP A 353 -2.68 28.17 -16.47
N GLN A 354 -2.95 27.21 -15.59
CA GLN A 354 -1.95 26.71 -14.66
C GLN A 354 -1.10 25.59 -15.25
N MET A 355 -1.48 25.12 -16.44
CA MET A 355 -0.81 23.98 -17.08
C MET A 355 -0.40 24.21 -18.56
N PRO A 356 0.39 25.27 -18.84
CA PRO A 356 0.87 25.49 -20.22
C PRO A 356 1.74 24.36 -20.75
N TYR A 357 2.42 23.67 -19.85
CA TYR A 357 3.31 22.55 -20.17
C TYR A 357 2.57 21.27 -20.58
N LEU A 358 1.28 21.18 -20.27
CA LEU A 358 0.50 19.97 -20.56
C LEU A 358 0.47 19.64 -22.06
N SER A 359 0.04 20.59 -22.89
CA SER A 359 0.04 20.40 -24.34
C SER A 359 1.44 20.08 -24.87
N LYS A 360 2.45 20.73 -24.30
CA LYS A 360 3.86 20.48 -24.67
C LYS A 360 4.32 19.03 -24.47
N VAL A 361 3.94 18.42 -23.34
CA VAL A 361 4.36 17.05 -23.04
C VAL A 361 3.45 15.97 -23.67
N MET A 362 2.22 16.35 -24.02
CA MET A 362 1.23 15.36 -24.48
C MET A 362 1.31 14.92 -25.95
N ASN A 363 1.74 15.81 -26.83
CA ASN A 363 1.84 15.50 -28.28
C ASN A 363 0.52 14.94 -28.82
N ILE A 364 -0.56 15.70 -28.61
CA ILE A 364 -1.88 15.37 -29.12
C ILE A 364 -1.87 15.32 -30.67
N GLU A 365 -2.35 14.21 -31.23
CA GLU A 365 -2.58 14.12 -32.67
C GLU A 365 -4.03 13.77 -32.94
N VAL A 366 -4.70 14.62 -33.73
CA VAL A 366 -6.13 14.49 -34.01
C VAL A 366 -6.39 13.68 -35.28
N ILE A 367 -7.14 12.60 -35.15
CA ILE A 367 -7.45 11.69 -36.26
C ILE A 367 -8.96 11.49 -36.40
N THR A 368 -9.37 10.92 -37.54
CA THR A 368 -10.78 10.58 -37.80
C THR A 368 -11.04 9.16 -37.29
N LEU A 369 -12.31 8.76 -37.28
CA LEU A 369 -12.70 7.39 -36.94
C LEU A 369 -12.06 6.34 -37.86
N ASP A 370 -12.03 6.63 -39.15
CA ASP A 370 -11.46 5.73 -40.16
C ASP A 370 -9.96 5.53 -39.94
N GLN A 371 -9.31 6.54 -39.34
CA GLN A 371 -7.89 6.48 -39.05
C GLN A 371 -7.53 5.78 -37.74
N ALA A 372 -8.55 5.44 -36.95
CA ALA A 372 -8.36 4.85 -35.61
C ALA A 372 -7.55 3.54 -35.55
N PRO A 373 -7.88 2.53 -36.39
CA PRO A 373 -7.05 1.31 -36.38
C PRO A 373 -5.59 1.55 -36.77
N ASP A 374 -5.35 2.55 -37.62
CA ASP A 374 -3.99 2.99 -37.93
C ASP A 374 -3.35 3.69 -36.73
N GLY A 375 -4.16 4.38 -35.93
CA GLY A 375 -3.71 5.02 -34.70
C GLY A 375 -3.21 4.00 -33.71
N TYR A 376 -4.05 2.99 -33.45
CA TYR A 376 -3.70 1.84 -32.63
C TYR A 376 -2.40 1.15 -33.03
N ALA A 377 -2.17 1.05 -34.34
CA ALA A 377 -0.99 0.36 -34.88
C ALA A 377 0.29 1.14 -34.63
N LYS A 378 0.26 2.44 -34.89
CA LYS A 378 1.39 3.34 -34.60
C LYS A 378 1.69 3.41 -33.10
N PHE A 379 0.64 3.47 -32.30
CA PHE A 379 0.74 3.52 -30.84
C PHE A 379 1.35 2.23 -30.30
N ASP A 380 0.92 1.11 -30.85
CA ASP A 380 1.42 -0.23 -30.51
C ASP A 380 2.91 -0.41 -30.82
N LYS A 381 3.41 0.37 -31.78
CA LYS A 381 4.82 0.34 -32.15
C LYS A 381 5.66 1.42 -31.45
N GLY A 382 5.08 2.04 -30.42
CA GLY A 382 5.82 2.95 -29.55
C GLY A 382 5.71 4.43 -29.85
N SER A 383 4.69 4.82 -30.62
CA SER A 383 4.48 6.22 -31.02
C SER A 383 4.40 7.21 -29.83
N PRO A 384 5.10 8.36 -29.94
CA PRO A 384 5.07 9.37 -28.90
C PRO A 384 3.81 10.26 -28.94
N ALA A 385 2.89 9.94 -29.84
CA ALA A 385 1.64 10.68 -29.95
C ALA A 385 0.61 10.23 -28.92
N LYS A 386 -0.24 11.15 -28.51
CA LYS A 386 -1.48 10.81 -27.84
C LYS A 386 -2.61 11.01 -28.85
N PHE A 387 -3.20 9.90 -29.31
CA PHE A 387 -4.20 9.94 -30.36
C PHE A 387 -5.59 10.32 -29.83
N VAL A 388 -6.15 11.37 -30.41
CA VAL A 388 -7.49 11.85 -30.09
C VAL A 388 -8.36 11.78 -31.35
N ILE A 389 -9.39 10.94 -31.30
CA ILE A 389 -10.31 10.80 -32.44
C ILE A 389 -11.40 11.87 -32.41
N ASP A 390 -11.63 12.48 -33.57
CA ASP A 390 -12.64 13.52 -33.76
C ASP A 390 -13.69 13.00 -34.75
N PRO A 391 -14.76 12.36 -34.24
CA PRO A 391 -15.74 11.65 -35.07
C PRO A 391 -16.61 12.53 -35.97
N HIS A 392 -16.84 13.78 -35.57
CA HIS A 392 -17.71 14.69 -36.33
C HIS A 392 -16.96 15.95 -36.81
N GLY A 393 -15.64 15.92 -36.78
CA GLY A 393 -14.82 17.06 -37.19
C GLY A 393 -15.04 18.30 -36.34
N MET A 394 -15.24 18.10 -35.04
CA MET A 394 -15.59 19.20 -34.13
C MET A 394 -14.39 19.95 -33.55
N LEU A 395 -13.19 19.40 -33.71
CA LEU A 395 -12.00 20.00 -33.11
C LEU A 395 -11.30 20.98 -34.04
N LYS A 396 -11.02 20.53 -35.27
CA LYS A 396 -10.41 21.34 -36.35
C LYS A 396 -9.30 22.31 -35.87
N ASN A 397 -8.51 21.84 -34.90
CA ASN A 397 -7.55 22.66 -34.17
C ASN A 397 -6.16 22.67 -34.83
N LYS A 398 -5.43 21.55 -34.70
CA LYS A 398 -4.03 21.41 -35.10
C LYS A 398 -3.21 22.71 -35.01
N ALA B 1 29.93 -3.44 38.61
CA ALA B 1 29.42 -3.92 37.28
C ALA B 1 28.63 -5.23 37.38
N GLY B 2 28.37 -5.85 36.23
CA GLY B 2 27.55 -7.05 36.16
C GLY B 2 26.16 -6.78 35.62
N ASN B 3 25.85 -7.40 34.49
CA ASN B 3 24.53 -7.32 33.88
C ASN B 3 24.15 -8.67 33.26
N LYS B 4 23.26 -9.38 33.94
CA LYS B 4 22.81 -10.69 33.47
C LYS B 4 21.83 -10.54 32.31
N SER B 5 22.15 -11.18 31.19
CA SER B 5 21.50 -10.93 29.90
C SER B 5 21.18 -12.20 29.15
N VAL B 6 20.15 -12.14 28.30
CA VAL B 6 19.88 -13.21 27.34
C VAL B 6 20.76 -12.97 26.11
N VAL B 7 21.73 -13.85 25.91
CA VAL B 7 22.74 -13.68 24.86
C VAL B 7 22.59 -14.74 23.76
N TYR B 8 22.61 -14.28 22.51
CA TYR B 8 22.54 -15.15 21.34
C TYR B 8 23.87 -15.83 21.07
N HIS B 9 23.85 -17.16 20.95
CA HIS B 9 25.04 -17.93 20.62
C HIS B 9 24.90 -18.73 19.33
N GLY B 10 23.65 -19.01 18.95
CA GLY B 10 23.37 -19.70 17.70
C GLY B 10 21.93 -20.13 17.58
N THR B 11 21.61 -20.82 16.50
CA THR B 11 20.27 -21.31 16.27
C THR B 11 19.81 -22.14 17.46
N ARG B 12 18.72 -21.69 18.07
CA ARG B 12 18.14 -22.32 19.28
C ARG B 12 19.15 -22.49 20.42
N ASP B 13 20.11 -21.57 20.48
CA ASP B 13 21.14 -21.59 21.50
C ASP B 13 21.24 -20.23 22.18
N LEU B 14 20.54 -20.11 23.30
CA LEU B 14 20.53 -18.88 24.09
C LEU B 14 21.13 -19.13 25.46
N ARG B 15 21.98 -18.22 25.91
CA ARG B 15 22.68 -18.38 27.16
C ARG B 15 22.54 -17.16 28.06
N VAL B 16 22.04 -17.39 29.27
CA VAL B 16 21.92 -16.34 30.27
C VAL B 16 23.27 -16.19 30.95
N GLU B 17 23.90 -15.04 30.74
CA GLU B 17 25.24 -14.80 31.26
C GLU B 17 25.45 -13.34 31.66
N THR B 18 26.47 -13.11 32.49
CA THR B 18 26.76 -11.79 33.04
C THR B 18 27.77 -11.06 32.16
N VAL B 19 27.34 -9.93 31.61
CA VAL B 19 28.17 -9.08 30.78
C VAL B 19 28.46 -7.78 31.56
N PRO B 20 29.44 -6.98 31.11
CA PRO B 20 29.74 -5.72 31.79
C PRO B 20 28.51 -4.80 31.93
N TYR B 21 28.48 -4.03 33.01
CA TYR B 21 27.43 -3.05 33.26
C TYR B 21 27.43 -2.02 32.14
N PRO B 22 26.25 -1.72 31.57
CA PRO B 22 26.16 -0.77 30.46
C PRO B 22 26.65 0.62 30.84
N LYS B 23 27.49 1.19 29.98
CA LYS B 23 27.97 2.56 30.14
C LYS B 23 27.15 3.48 29.24
N LEU B 24 27.31 4.79 29.43
CA LEU B 24 26.60 5.78 28.62
C LEU B 24 27.40 6.12 27.38
N GLU B 25 27.68 5.08 26.59
CA GLU B 25 28.54 5.18 25.40
C GLU B 25 28.10 4.22 24.29
N HIS B 26 28.37 4.60 23.04
CA HIS B 26 28.09 3.78 21.86
C HIS B 26 29.16 4.05 20.83
N ASN B 27 29.79 2.99 20.32
CA ASN B 27 30.91 3.09 19.38
C ASN B 27 32.06 3.98 19.89
N ASN B 28 32.36 3.83 21.18
CA ASN B 28 33.43 4.57 21.87
C ASN B 28 33.25 6.09 21.82
N ARG B 29 32.00 6.54 21.97
CA ARG B 29 31.66 7.95 22.09
C ARG B 29 30.68 8.11 23.25
N LYS B 30 30.87 9.14 24.06
CA LYS B 30 29.96 9.40 25.19
C LYS B 30 28.60 9.89 24.67
N LEU B 31 27.56 9.33 25.25
CA LEU B 31 26.20 9.76 24.95
C LEU B 31 25.60 10.47 26.14
N GLU B 32 25.55 11.83 25.99
CA GLU B 32 24.99 12.61 27.09
C GLU B 32 23.47 12.77 27.00
N HIS B 33 22.88 12.28 25.90
CA HIS B 33 21.43 12.22 25.73
C HIS B 33 20.84 10.91 26.26
N ALA B 34 21.70 9.99 26.67
CA ALA B 34 21.27 8.63 27.03
C ALA B 34 21.05 8.40 28.52
N VAL B 35 20.29 7.35 28.84
CA VAL B 35 20.08 6.88 30.21
C VAL B 35 20.40 5.38 30.31
N ILE B 36 20.70 4.94 31.53
CA ILE B 36 20.72 3.52 31.86
C ILE B 36 19.45 3.23 32.64
N LEU B 37 18.78 2.14 32.28
CA LEU B 37 17.59 1.69 32.98
C LEU B 37 17.84 0.41 33.77
N LYS B 38 17.21 0.33 34.94
CA LYS B 38 17.07 -0.94 35.65
C LYS B 38 15.76 -1.55 35.16
N VAL B 39 15.86 -2.74 34.55
CA VAL B 39 14.73 -3.34 33.84
C VAL B 39 13.69 -3.91 34.78
N VAL B 40 12.46 -3.38 34.67
CA VAL B 40 11.31 -3.84 35.43
C VAL B 40 10.70 -5.08 34.77
N SER B 41 10.28 -4.94 33.51
CA SER B 41 9.71 -6.05 32.76
C SER B 41 10.21 -6.04 31.33
N THR B 42 10.41 -7.23 30.78
CA THR B 42 10.97 -7.37 29.44
C THR B 42 10.43 -8.65 28.76
N ASN B 43 9.72 -8.46 27.65
CA ASN B 43 9.01 -9.57 27.03
C ASN B 43 9.81 -10.34 25.99
N ILE B 44 9.28 -11.50 25.61
CA ILE B 44 9.79 -12.27 24.49
C ILE B 44 8.82 -12.08 23.32
N CYS B 45 9.37 -11.81 22.14
CA CYS B 45 8.55 -11.51 20.96
C CYS B 45 8.75 -12.51 19.83
N GLY B 46 7.77 -12.57 18.93
CA GLY B 46 7.86 -13.37 17.70
C GLY B 46 8.98 -12.89 16.79
N SER B 47 9.45 -11.66 17.01
CA SER B 47 10.62 -11.14 16.31
C SER B 47 11.89 -11.77 16.87
N ASP B 48 11.91 -11.96 18.19
CA ASP B 48 13.02 -12.67 18.86
C ASP B 48 13.06 -14.11 18.38
N GLN B 49 11.88 -14.68 18.11
CA GLN B 49 11.77 -16.05 17.62
C GLN B 49 12.40 -16.23 16.22
N HIS B 50 12.30 -15.20 15.37
CA HIS B 50 12.99 -15.21 14.07
C HIS B 50 14.50 -15.38 14.26
N ILE B 51 15.06 -14.68 15.25
CA ILE B 51 16.48 -14.77 15.60
C ILE B 51 16.81 -16.14 16.19
N TYR B 52 15.96 -16.60 17.10
CA TYR B 52 16.09 -17.89 17.78
C TYR B 52 16.06 -19.07 16.81
N ARG B 53 15.22 -18.97 15.78
CA ARG B 53 15.14 -19.99 14.74
C ARG B 53 16.26 -19.88 13.71
N GLY B 54 17.02 -18.79 13.79
CA GLY B 54 18.12 -18.55 12.84
C GLY B 54 17.63 -17.98 11.52
N ARG B 55 16.48 -17.32 11.54
CA ARG B 55 15.91 -16.74 10.32
C ARG B 55 16.17 -15.23 10.22
N PHE B 56 16.67 -14.65 11.31
CA PHE B 56 17.13 -13.27 11.32
C PHE B 56 18.52 -13.23 11.97
N ILE B 57 19.50 -12.79 11.21
CA ILE B 57 20.91 -12.83 11.64
C ILE B 57 21.29 -11.64 12.54
N VAL B 58 21.78 -11.97 13.73
CA VAL B 58 22.50 -11.02 14.59
C VAL B 58 23.88 -11.63 14.88
N PRO B 59 24.88 -10.78 15.25
CA PRO B 59 26.19 -11.35 15.60
C PRO B 59 26.11 -12.23 16.84
N LYS B 60 26.98 -13.23 16.91
CA LYS B 60 27.07 -14.09 18.08
C LYS B 60 27.49 -13.22 19.28
N GLY B 61 26.80 -13.40 20.40
CA GLY B 61 27.03 -12.59 21.58
C GLY B 61 26.18 -11.33 21.65
N HIS B 62 25.17 -11.24 20.78
CA HIS B 62 24.23 -10.12 20.81
C HIS B 62 23.16 -10.35 21.86
N VAL B 63 22.86 -9.32 22.64
CA VAL B 63 21.81 -9.40 23.65
C VAL B 63 20.45 -9.12 23.00
N LEU B 64 19.51 -10.03 23.26
CA LEU B 64 18.17 -9.98 22.67
C LEU B 64 17.17 -9.20 23.54
N GLY B 65 16.02 -8.86 22.94
CA GLY B 65 14.93 -8.23 23.68
C GLY B 65 14.75 -6.77 23.33
N HIS B 66 13.51 -6.42 22.95
CA HIS B 66 13.21 -5.05 22.54
C HIS B 66 11.86 -4.58 23.10
N GLU B 67 11.41 -5.22 24.17
CA GLU B 67 10.14 -4.90 24.80
C GLU B 67 10.37 -4.47 26.24
N ILE B 68 10.98 -3.30 26.40
CA ILE B 68 11.54 -2.86 27.68
C ILE B 68 10.64 -1.87 28.46
N THR B 69 10.37 -2.23 29.72
CA THR B 69 9.85 -1.30 30.72
C THR B 69 10.89 -1.26 31.85
N GLY B 70 11.32 -0.05 32.25
CA GLY B 70 12.35 0.08 33.28
C GLY B 70 12.30 1.34 34.11
N GLU B 71 13.28 1.49 35.01
CA GLU B 71 13.43 2.66 35.86
C GLU B 71 14.77 3.34 35.61
N VAL B 72 14.74 4.65 35.45
CA VAL B 72 15.97 5.44 35.23
C VAL B 72 16.89 5.39 36.44
N VAL B 73 18.08 4.84 36.27
CA VAL B 73 19.08 4.76 37.36
C VAL B 73 20.32 5.63 37.10
N GLU B 74 20.52 6.00 35.84
CA GLU B 74 21.60 6.89 35.44
C GLU B 74 21.18 7.71 34.23
N LYS B 75 21.66 8.94 34.16
CA LYS B 75 21.41 9.80 33.00
C LYS B 75 22.63 10.67 32.64
N GLY B 76 22.79 10.95 31.36
CA GLY B 76 23.80 11.90 30.88
C GLY B 76 23.41 13.33 31.18
N SER B 77 24.27 14.27 30.79
CA SER B 77 24.06 15.69 31.08
C SER B 77 22.94 16.36 30.25
N ASP B 78 22.58 15.77 29.11
CA ASP B 78 21.46 16.28 28.31
C ASP B 78 20.22 15.38 28.35
N VAL B 79 19.78 15.08 29.57
CA VAL B 79 18.51 14.42 29.81
C VAL B 79 17.72 15.37 30.72
N GLU B 80 16.75 16.06 30.15
CA GLU B 80 16.07 17.15 30.86
C GLU B 80 14.60 16.87 31.21
N LEU B 81 14.06 15.75 30.76
CA LEU B 81 12.66 15.41 31.01
C LEU B 81 12.50 14.15 31.86
N MET B 82 13.60 13.43 32.05
CA MET B 82 13.57 12.17 32.80
C MET B 82 14.41 12.31 34.07
N ASP B 83 13.84 11.85 35.18
CA ASP B 83 14.53 11.87 36.47
C ASP B 83 14.89 10.46 36.90
N ILE B 84 15.94 10.33 37.69
CA ILE B 84 16.28 9.05 38.31
C ILE B 84 15.05 8.57 39.10
N GLY B 85 14.73 7.29 38.95
CA GLY B 85 13.57 6.71 39.61
C GLY B 85 12.29 6.73 38.80
N ASP B 86 12.29 7.46 37.68
CA ASP B 86 11.11 7.48 36.80
C ASP B 86 10.85 6.11 36.18
N LEU B 87 9.61 5.65 36.27
CA LEU B 87 9.17 4.45 35.57
C LEU B 87 8.81 4.83 34.14
N VAL B 88 9.40 4.12 33.17
CA VAL B 88 9.26 4.48 31.75
C VAL B 88 9.04 3.28 30.84
N SER B 89 8.42 3.54 29.70
CA SER B 89 8.29 2.57 28.62
C SER B 89 9.28 2.93 27.52
N VAL B 90 9.90 1.90 26.94
CA VAL B 90 10.87 2.10 25.88
C VAL B 90 10.27 1.58 24.57
N PRO B 91 10.06 2.47 23.58
CA PRO B 91 9.65 1.99 22.27
C PRO B 91 10.77 1.15 21.66
N PHE B 92 10.42 0.10 20.92
CA PHE B 92 11.43 -0.81 20.37
C PHE B 92 12.28 -0.13 19.30
N ASN B 93 11.69 0.87 18.64
CA ASN B 93 12.40 1.68 17.65
C ASN B 93 13.49 2.50 18.33
N VAL B 94 14.74 2.31 17.93
CA VAL B 94 15.78 3.27 18.29
C VAL B 94 15.69 4.43 17.30
N ALA B 95 15.36 5.61 17.82
CA ALA B 95 15.12 6.81 17.01
C ALA B 95 15.72 8.04 17.69
N CYS B 96 16.25 8.96 16.88
CA CYS B 96 17.03 10.08 17.38
C CYS B 96 16.19 11.32 17.74
N GLY B 97 15.06 11.49 17.07
CA GLY B 97 14.20 12.64 17.28
C GLY B 97 14.70 13.92 16.62
N ARG B 98 15.76 13.79 15.83
CA ARG B 98 16.49 14.94 15.30
C ARG B 98 16.62 14.91 13.77
N CYS B 99 16.52 13.73 13.18
CA CYS B 99 16.59 13.59 11.72
C CYS B 99 15.24 13.94 11.08
N ARG B 100 15.23 14.04 9.75
CA ARG B 100 14.03 14.35 8.97
C ARG B 100 12.85 13.42 9.27
N ASN B 101 13.07 12.10 9.23
CA ASN B 101 11.98 11.14 9.49
C ASN B 101 11.42 11.23 10.91
N CYS B 102 12.31 11.39 11.90
CA CYS B 102 11.88 11.58 13.29
C CYS B 102 11.08 12.88 13.48
N LYS B 103 11.48 13.94 12.78
CA LYS B 103 10.82 15.24 12.87
C LYS B 103 9.42 15.24 12.24
N GLU B 104 9.21 14.34 11.27
CA GLU B 104 7.91 14.16 10.62
C GLU B 104 7.09 13.02 11.25
N ALA B 105 7.40 12.71 12.51
CA ALA B 105 6.75 11.61 13.27
C ALA B 105 6.83 10.26 12.56
N ARG B 106 8.01 9.96 12.03
CA ARG B 106 8.27 8.68 11.39
C ARG B 106 9.51 8.03 12.02
N SER B 107 9.43 7.83 13.33
CA SER B 107 10.51 7.24 14.13
C SER B 107 10.73 5.75 13.85
N ASP B 108 9.82 5.14 13.10
CA ASP B 108 9.97 3.76 12.65
C ASP B 108 11.15 3.61 11.68
N VAL B 109 11.44 4.69 10.95
CA VAL B 109 12.51 4.71 9.95
C VAL B 109 13.51 5.86 10.16
N CYS B 110 14.11 5.91 11.36
CA CYS B 110 15.16 6.88 11.70
C CYS B 110 16.32 6.83 10.70
N GLU B 111 16.69 8.01 10.20
CA GLU B 111 17.75 8.14 9.18
C GLU B 111 19.14 8.43 9.77
N ASN B 112 19.19 8.77 11.05
CA ASN B 112 20.44 9.09 11.74
C ASN B 112 21.46 7.94 11.64
N ASN B 113 22.59 8.22 11.00
CA ASN B 113 23.64 7.21 10.85
C ASN B 113 24.35 6.81 12.15
N LEU B 114 24.15 7.59 13.22
CA LEU B 114 24.66 7.23 14.55
C LEU B 114 23.78 6.17 15.24
N VAL B 115 22.53 6.06 14.78
CA VAL B 115 21.63 4.99 15.21
C VAL B 115 21.89 3.71 14.39
N ASN B 116 21.93 3.88 13.07
CA ASN B 116 22.23 2.79 12.15
C ASN B 116 22.91 3.40 10.92
N PRO B 117 24.18 3.06 10.69
CA PRO B 117 24.87 3.66 9.54
C PRO B 117 24.54 2.99 8.19
N ASP B 118 23.93 1.82 8.22
CA ASP B 118 23.78 0.96 7.04
C ASP B 118 22.37 0.90 6.45
N ALA B 119 21.39 1.46 7.16
CA ALA B 119 19.97 1.43 6.77
C ALA B 119 19.17 2.42 7.63
N ASP B 120 18.04 2.89 7.11
CA ASP B 120 17.24 3.90 7.80
C ASP B 120 16.18 3.28 8.72
N LEU B 121 16.65 2.66 9.80
CA LEU B 121 15.78 2.15 10.86
C LEU B 121 16.63 1.67 12.04
N GLY B 122 16.09 1.85 13.25
CA GLY B 122 16.76 1.43 14.48
C GLY B 122 15.89 0.54 15.33
N ALA B 123 16.51 -0.41 16.03
CA ALA B 123 15.80 -1.35 16.89
C ALA B 123 16.74 -2.03 17.89
N PHE B 124 16.28 -2.14 19.14
CA PHE B 124 16.98 -2.91 20.17
C PHE B 124 16.95 -4.41 19.88
N GLY B 125 18.05 -5.09 20.17
CA GLY B 125 18.10 -6.56 20.09
C GLY B 125 17.99 -7.17 18.69
N PHE B 126 18.16 -6.35 17.66
CA PHE B 126 18.14 -6.78 16.26
C PHE B 126 19.47 -6.50 15.55
N ASP B 127 20.43 -5.97 16.30
CA ASP B 127 21.65 -5.40 15.71
C ASP B 127 21.28 -4.35 14.64
N LEU B 128 20.42 -3.41 15.04
CA LEU B 128 20.01 -2.32 14.15
C LEU B 128 20.24 -0.92 14.74
N LYS B 129 21.48 -0.44 14.81
CA LYS B 129 22.69 -1.24 14.60
C LYS B 129 23.54 -1.15 15.87
N GLY B 130 23.77 -2.29 16.52
CA GLY B 130 24.66 -2.37 17.68
C GLY B 130 24.05 -1.88 18.99
N TRP B 131 22.74 -1.92 19.09
CA TRP B 131 22.05 -1.59 20.33
C TRP B 131 21.65 -2.86 21.06
N SER B 132 22.30 -3.11 22.20
CA SER B 132 22.01 -4.29 23.02
C SER B 132 20.54 -4.37 23.35
N GLY B 133 20.00 -5.59 23.32
CA GLY B 133 18.63 -5.85 23.72
C GLY B 133 18.40 -5.61 25.20
N GLY B 134 17.14 -5.75 25.61
CA GLY B 134 16.75 -5.44 26.98
C GLY B 134 16.25 -6.64 27.77
N GLN B 135 16.50 -7.84 27.26
CA GLN B 135 16.24 -9.05 28.04
C GLN B 135 17.40 -9.26 29.01
N ALA B 136 17.49 -8.34 29.96
CA ALA B 136 18.63 -8.22 30.85
C ALA B 136 18.22 -7.47 32.12
N GLU B 137 19.16 -7.32 33.03
CA GLU B 137 18.93 -6.60 34.29
C GLU B 137 18.99 -5.09 34.09
N TYR B 138 19.82 -4.66 33.13
CA TYR B 138 20.00 -3.25 32.81
C TYR B 138 20.11 -3.07 31.29
N VAL B 139 19.81 -1.87 30.81
CA VAL B 139 19.88 -1.55 29.39
C VAL B 139 20.14 -0.07 29.13
N LEU B 140 20.96 0.20 28.12
CA LEU B 140 21.21 1.56 27.64
C LEU B 140 20.12 2.00 26.66
N VAL B 141 19.58 3.21 26.88
CA VAL B 141 18.63 3.83 25.96
C VAL B 141 19.17 5.17 25.49
N PRO B 142 19.48 5.30 24.19
CA PRO B 142 19.93 6.58 23.68
C PRO B 142 18.77 7.55 23.48
N TYR B 143 19.08 8.83 23.34
CA TYR B 143 18.09 9.88 23.05
C TYR B 143 16.87 9.82 23.98
N ALA B 144 17.16 9.76 25.29
CA ALA B 144 16.16 9.44 26.32
C ALA B 144 14.98 10.41 26.40
N ASP B 145 15.23 11.70 26.19
CA ASP B 145 14.19 12.72 26.26
C ASP B 145 13.12 12.53 25.18
N TYR B 146 13.58 12.17 23.97
CA TYR B 146 12.69 11.92 22.85
C TYR B 146 12.08 10.53 22.97
N MET B 147 12.91 9.54 23.32
CA MET B 147 12.54 8.13 23.27
C MET B 147 11.53 7.70 24.32
N LEU B 148 11.80 8.04 25.57
CA LEU B 148 11.09 7.43 26.70
C LEU B 148 9.68 7.94 26.92
N LEU B 149 8.80 7.02 27.35
CA LEU B 149 7.46 7.38 27.74
C LEU B 149 7.33 7.20 29.25
N LYS B 150 7.16 8.31 29.95
CA LYS B 150 7.01 8.31 31.41
C LYS B 150 5.65 7.78 31.87
N PHE B 151 5.69 6.83 32.80
CA PHE B 151 4.51 6.46 33.57
C PHE B 151 4.47 7.35 34.83
N GLY B 152 3.75 8.46 34.72
CA GLY B 152 3.69 9.50 35.77
C GLY B 152 3.56 9.03 37.20
N ASP B 153 2.58 8.16 37.45
CA ASP B 153 2.36 7.61 38.79
C ASP B 153 2.78 6.14 38.82
N LYS B 154 3.89 5.88 39.52
CA LYS B 154 4.47 4.54 39.65
C LYS B 154 3.49 3.49 40.14
N GLU B 155 2.70 3.85 41.15
CA GLU B 155 1.79 2.93 41.81
C GLU B 155 0.58 2.56 40.93
N GLN B 156 0.02 3.55 40.24
CA GLN B 156 -1.07 3.34 39.28
C GLN B 156 -0.61 2.41 38.15
N ALA B 157 0.62 2.63 37.67
CA ALA B 157 1.17 1.90 36.53
C ALA B 157 1.52 0.44 36.85
N MET B 158 2.10 0.21 38.03
CA MET B 158 2.56 -1.12 38.42
C MET B 158 1.42 -2.10 38.68
N GLU B 159 0.24 -1.58 39.00
CA GLU B 159 -0.96 -2.39 39.17
C GLU B 159 -1.56 -2.82 37.82
N LYS B 160 -1.07 -2.22 36.74
CA LYS B 160 -1.47 -2.59 35.38
C LYS B 160 -0.25 -2.99 34.54
N ILE B 161 0.84 -3.35 35.22
CA ILE B 161 2.12 -3.63 34.55
C ILE B 161 2.07 -4.74 33.47
N LYS B 162 1.18 -5.71 33.65
CA LYS B 162 1.04 -6.80 32.67
C LYS B 162 0.43 -6.28 31.38
N ASP B 163 -0.39 -5.24 31.47
CA ASP B 163 -0.93 -4.54 30.30
C ASP B 163 0.11 -3.56 29.74
N LEU B 164 0.78 -2.83 30.62
CA LEU B 164 1.68 -1.74 30.21
C LEU B 164 3.05 -2.21 29.70
N THR B 165 3.41 -3.46 29.98
CA THR B 165 4.63 -4.06 29.41
C THR B 165 4.49 -4.28 27.89
N LEU B 166 3.26 -4.19 27.40
CA LEU B 166 2.97 -4.33 25.97
C LEU B 166 3.06 -3.01 25.21
N ILE B 167 3.15 -1.91 25.96
CA ILE B 167 3.24 -0.54 25.39
C ILE B 167 4.57 -0.27 24.69
N SER B 168 5.58 -1.07 25.03
CA SER B 168 6.91 -0.99 24.42
C SER B 168 6.93 -1.35 22.93
N ASP B 169 6.00 -2.21 22.51
CA ASP B 169 6.09 -2.80 21.18
C ASP B 169 4.76 -3.30 20.60
N ILE B 170 4.22 -4.38 21.16
CA ILE B 170 3.23 -5.19 20.43
C ILE B 170 1.81 -4.66 20.38
N LEU B 171 1.39 -3.94 21.41
CA LEU B 171 0.09 -3.27 21.37
C LEU B 171 0.11 -2.12 20.35
N PRO B 172 1.07 -1.17 20.47
CA PRO B 172 1.22 -0.17 19.40
C PRO B 172 1.38 -0.77 18.02
N THR B 173 2.06 -1.91 17.92
CA THR B 173 2.28 -2.60 16.64
C THR B 173 0.97 -3.14 16.06
N GLY B 174 0.21 -3.87 16.89
CA GLY B 174 -1.08 -4.42 16.48
C GLY B 174 -2.09 -3.33 16.16
N PHE B 175 -2.10 -2.30 17.01
CA PHE B 175 -2.95 -1.14 16.85
C PHE B 175 -2.61 -0.38 15.55
N HIS B 176 -1.32 -0.15 15.32
CA HIS B 176 -0.80 0.41 14.06
C HIS B 176 -1.23 -0.38 12.83
N GLY B 177 -1.22 -1.71 12.95
CA GLY B 177 -1.74 -2.58 11.89
C GLY B 177 -3.18 -2.27 11.56
N CYS B 178 -3.99 -2.09 12.61
CA CYS B 178 -5.40 -1.73 12.49
C CYS B 178 -5.60 -0.31 11.92
N VAL B 179 -4.95 0.68 12.52
CA VAL B 179 -5.10 2.08 12.10
C VAL B 179 -4.72 2.31 10.63
N SER B 180 -3.56 1.79 10.23
CA SER B 180 -3.09 1.92 8.83
C SER B 180 -3.97 1.16 7.83
N ALA B 181 -4.82 0.27 8.35
CA ALA B 181 -5.79 -0.47 7.54
C ALA B 181 -7.15 0.23 7.54
N GLY B 182 -7.22 1.38 8.21
CA GLY B 182 -8.45 2.16 8.31
C GLY B 182 -9.52 1.60 9.24
N VAL B 183 -9.10 0.75 10.19
CA VAL B 183 -10.04 0.23 11.19
C VAL B 183 -10.59 1.38 12.03
N LYS B 184 -11.92 1.51 12.06
CA LYS B 184 -12.60 2.60 12.77
C LYS B 184 -13.93 2.06 13.30
N PRO B 185 -14.71 2.87 14.02
CA PRO B 185 -16.00 2.33 14.50
C PRO B 185 -16.85 1.68 13.40
N GLY B 186 -17.35 0.48 13.69
CA GLY B 186 -18.24 -0.24 12.78
C GLY B 186 -17.57 -0.99 11.64
N SER B 187 -16.24 -1.02 11.63
CA SER B 187 -15.48 -1.73 10.60
C SER B 187 -15.57 -3.25 10.72
N HIS B 188 -15.40 -3.95 9.61
CA HIS B 188 -15.26 -5.41 9.61
C HIS B 188 -13.82 -5.77 9.30
N VAL B 189 -13.20 -6.48 10.23
CA VAL B 189 -11.76 -6.70 10.24
C VAL B 189 -11.44 -8.19 10.21
N TYR B 190 -10.53 -8.58 9.33
CA TYR B 190 -9.90 -9.88 9.40
C TYR B 190 -8.42 -9.71 9.75
N ILE B 191 -7.99 -10.39 10.81
CA ILE B 191 -6.60 -10.39 11.23
C ILE B 191 -6.00 -11.77 10.98
N ALA B 192 -4.90 -11.82 10.24
CA ALA B 192 -4.15 -13.05 10.08
C ALA B 192 -3.10 -13.14 11.17
N GLY B 193 -3.22 -14.16 12.02
CA GLY B 193 -2.28 -14.38 13.12
C GLY B 193 -2.91 -14.21 14.49
N ALA B 194 -2.72 -15.21 15.35
CA ALA B 194 -3.20 -15.14 16.73
C ALA B 194 -2.06 -15.35 17.74
N GLY B 195 -0.85 -15.04 17.31
CA GLY B 195 0.26 -14.86 18.25
C GLY B 195 0.03 -13.60 19.06
N PRO B 196 0.96 -13.24 19.96
CA PRO B 196 0.82 -12.04 20.82
C PRO B 196 0.54 -10.73 20.06
N VAL B 197 1.12 -10.55 18.88
CA VAL B 197 0.88 -9.35 18.06
C VAL B 197 -0.55 -9.34 17.48
N GLY B 198 -0.98 -10.49 16.96
CA GLY B 198 -2.33 -10.63 16.43
C GLY B 198 -3.41 -10.49 17.47
N ARG B 199 -3.14 -10.96 18.68
CA ARG B 199 -4.08 -10.82 19.79
C ARG B 199 -4.17 -9.36 20.27
N CYS B 200 -3.06 -8.63 20.17
CA CYS B 200 -3.03 -7.18 20.40
C CYS B 200 -3.73 -6.39 19.28
N ALA B 201 -3.66 -6.91 18.06
CA ALA B 201 -4.34 -6.29 16.92
C ALA B 201 -5.84 -6.42 17.06
N ALA B 202 -6.29 -7.56 17.59
CA ALA B 202 -7.71 -7.80 17.87
C ALA B 202 -8.22 -6.89 18.97
N ALA B 203 -7.41 -6.73 20.03
CA ALA B 203 -7.75 -5.86 21.16
C ALA B 203 -7.77 -4.40 20.74
N GLY B 204 -6.86 -4.02 19.84
CA GLY B 204 -6.82 -2.68 19.26
C GLY B 204 -8.02 -2.36 18.41
N ALA B 205 -8.48 -3.35 17.64
CA ALA B 205 -9.67 -3.21 16.78
C ALA B 205 -10.95 -3.00 17.59
N ARG B 206 -11.06 -3.71 18.71
CA ARG B 206 -12.18 -3.52 19.63
C ARG B 206 -12.19 -2.12 20.23
N LEU B 207 -11.03 -1.67 20.72
CA LEU B 207 -10.87 -0.32 21.27
C LEU B 207 -11.24 0.75 20.23
N LEU B 208 -10.93 0.48 18.97
CA LEU B 208 -11.25 1.38 17.86
C LEU B 208 -12.75 1.40 17.53
N GLY B 209 -13.48 0.39 18.03
CA GLY B 209 -14.92 0.32 17.88
C GLY B 209 -15.39 -0.49 16.69
N ALA B 210 -14.53 -1.39 16.21
CA ALA B 210 -14.85 -2.27 15.08
C ALA B 210 -16.09 -3.13 15.37
N ALA B 211 -16.92 -3.33 14.34
CA ALA B 211 -18.16 -4.12 14.48
C ALA B 211 -17.87 -5.61 14.57
N CYS B 212 -17.22 -6.15 13.54
CA CYS B 212 -16.88 -7.57 13.48
C CYS B 212 -15.36 -7.75 13.36
N VAL B 213 -14.77 -8.40 14.36
CA VAL B 213 -13.32 -8.66 14.39
C VAL B 213 -13.07 -10.17 14.32
N ILE B 214 -12.58 -10.62 13.16
CA ILE B 214 -12.32 -12.04 12.93
C ILE B 214 -10.82 -12.29 12.88
N VAL B 215 -10.37 -13.31 13.63
CA VAL B 215 -8.96 -13.69 13.62
C VAL B 215 -8.76 -15.13 13.13
N GLY B 216 -7.81 -15.29 12.20
CA GLY B 216 -7.48 -16.61 11.66
C GLY B 216 -6.12 -17.10 12.14
N ASP B 217 -6.05 -18.40 12.45
CA ASP B 217 -4.80 -19.07 12.83
C ASP B 217 -4.97 -20.59 12.75
N GLN B 218 -3.87 -21.28 12.49
CA GLN B 218 -3.83 -22.74 12.50
C GLN B 218 -3.83 -23.27 13.94
N ASN B 219 -3.26 -22.46 14.85
CA ASN B 219 -3.13 -22.77 16.28
C ASN B 219 -4.46 -22.55 17.02
N PRO B 220 -5.11 -23.63 17.47
CA PRO B 220 -6.43 -23.53 18.10
C PRO B 220 -6.39 -22.98 19.53
N GLU B 221 -5.29 -23.22 20.24
CA GLU B 221 -5.14 -22.77 21.64
C GLU B 221 -4.96 -21.26 21.73
N ARG B 222 -4.21 -20.71 20.79
CA ARG B 222 -4.04 -19.26 20.65
C ARG B 222 -5.36 -18.59 20.26
N LEU B 223 -6.12 -19.23 19.38
CA LEU B 223 -7.42 -18.74 18.95
C LEU B 223 -8.47 -18.76 20.06
N LYS B 224 -8.38 -19.75 20.93
CA LYS B 224 -9.33 -19.93 22.04
C LYS B 224 -9.27 -18.76 23.02
N LEU B 225 -8.08 -18.21 23.22
CA LEU B 225 -7.90 -16.99 24.02
C LEU B 225 -8.78 -15.85 23.51
N LEU B 226 -8.92 -15.76 22.19
CA LEU B 226 -9.69 -14.71 21.55
C LEU B 226 -11.19 -14.98 21.59
N SER B 227 -11.59 -16.20 21.23
CA SER B 227 -13.01 -16.55 21.17
C SER B 227 -13.66 -16.56 22.55
N ASP B 228 -12.88 -16.86 23.58
CA ASP B 228 -13.32 -16.78 24.98
C ASP B 228 -13.59 -15.34 25.41
N ALA B 229 -13.01 -14.37 24.68
CA ALA B 229 -13.18 -12.95 24.98
C ALA B 229 -14.11 -12.25 24.00
N GLY B 230 -14.92 -13.04 23.29
CA GLY B 230 -15.97 -12.51 22.41
C GLY B 230 -15.60 -12.29 20.96
N PHE B 231 -14.34 -12.57 20.61
CA PHE B 231 -13.88 -12.41 19.24
C PHE B 231 -14.28 -13.59 18.35
N GLU B 232 -14.35 -13.35 17.04
CA GLU B 232 -14.67 -14.40 16.08
C GLU B 232 -13.38 -15.03 15.58
N THR B 233 -13.39 -16.36 15.43
CA THR B 233 -12.18 -17.08 15.02
C THR B 233 -12.39 -18.00 13.82
N ILE B 234 -11.32 -18.21 13.06
CA ILE B 234 -11.31 -19.15 11.95
C ILE B 234 -10.09 -20.07 12.08
N ASP B 235 -10.37 -21.38 12.14
CA ASP B 235 -9.33 -22.41 12.12
C ASP B 235 -8.89 -22.63 10.68
N LEU B 236 -7.64 -22.27 10.38
CA LEU B 236 -7.13 -22.28 9.01
C LEU B 236 -6.65 -23.65 8.52
N ARG B 237 -6.84 -24.68 9.35
CA ARG B 237 -6.64 -26.05 8.92
C ARG B 237 -7.85 -26.54 8.10
N ASN B 238 -9.00 -25.89 8.28
CA ASN B 238 -10.19 -26.12 7.45
C ASN B 238 -9.90 -25.97 5.97
N SER B 239 -10.52 -26.82 5.16
CA SER B 239 -10.23 -26.86 3.72
C SER B 239 -11.14 -25.94 2.91
N ALA B 240 -12.27 -25.55 3.51
CA ALA B 240 -13.19 -24.60 2.89
C ALA B 240 -12.51 -23.23 2.73
N PRO B 241 -12.82 -22.51 1.62
CA PRO B 241 -12.17 -21.22 1.35
C PRO B 241 -12.41 -20.21 2.47
N LEU B 242 -11.36 -19.43 2.77
CA LEU B 242 -11.43 -18.41 3.84
C LEU B 242 -12.60 -17.44 3.66
N ARG B 243 -12.87 -17.06 2.41
CA ARG B 243 -14.00 -16.17 2.08
C ARG B 243 -15.33 -16.75 2.56
N ASP B 244 -15.52 -18.04 2.33
CA ASP B 244 -16.73 -18.74 2.76
C ASP B 244 -16.83 -18.83 4.28
N GLN B 245 -15.69 -19.06 4.95
CA GLN B 245 -15.65 -19.12 6.41
C GLN B 245 -15.96 -17.75 7.04
N ILE B 246 -15.50 -16.68 6.40
CA ILE B 246 -15.85 -15.31 6.80
C ILE B 246 -17.35 -15.05 6.55
N ASP B 247 -17.83 -15.51 5.40
CA ASP B 247 -19.23 -15.37 5.01
C ASP B 247 -20.19 -16.00 6.01
N GLN B 248 -19.77 -17.10 6.62
CA GLN B 248 -20.55 -17.78 7.66
C GLN B 248 -20.62 -16.98 8.97
N ILE B 249 -19.55 -16.26 9.30
CA ILE B 249 -19.51 -15.41 10.49
C ILE B 249 -20.20 -14.07 10.24
N LEU B 250 -19.87 -13.43 9.12
CA LEU B 250 -20.19 -12.02 8.88
C LEU B 250 -21.49 -11.77 8.10
N GLY B 251 -21.81 -12.65 7.15
CA GLY B 251 -22.91 -12.41 6.23
C GLY B 251 -22.42 -11.92 4.88
N LYS B 252 -21.13 -11.58 4.83
CA LYS B 252 -20.45 -11.20 3.59
C LYS B 252 -19.12 -11.95 3.49
N PRO B 253 -18.70 -12.33 2.27
CA PRO B 253 -17.44 -13.05 2.08
C PRO B 253 -16.19 -12.17 2.10
N GLU B 254 -16.36 -10.87 2.36
CA GLU B 254 -15.25 -9.92 2.37
C GLU B 254 -15.27 -8.99 3.57
N VAL B 255 -14.09 -8.47 3.93
CA VAL B 255 -13.94 -7.52 5.04
C VAL B 255 -13.47 -6.15 4.55
N ASP B 256 -13.70 -5.11 5.35
CA ASP B 256 -13.23 -3.76 5.06
C ASP B 256 -11.72 -3.68 5.20
N CYS B 257 -11.19 -4.37 6.22
CA CYS B 257 -9.80 -4.20 6.66
C CYS B 257 -9.11 -5.54 6.90
N GLY B 258 -7.88 -5.65 6.40
CA GLY B 258 -7.03 -6.81 6.67
C GLY B 258 -5.78 -6.42 7.44
N VAL B 259 -5.40 -7.25 8.41
CA VAL B 259 -4.17 -7.02 9.16
C VAL B 259 -3.30 -8.30 9.13
N ASP B 260 -2.05 -8.15 8.67
CA ASP B 260 -1.08 -9.24 8.59
C ASP B 260 -0.17 -9.24 9.82
N ALA B 261 -0.54 -10.04 10.82
CA ALA B 261 0.28 -10.19 12.02
C ALA B 261 1.00 -11.54 12.03
N VAL B 262 1.53 -11.93 10.87
CA VAL B 262 2.23 -13.21 10.71
C VAL B 262 3.70 -13.03 10.37
N GLY B 263 3.97 -12.56 9.15
CA GLY B 263 5.35 -12.37 8.69
C GLY B 263 5.84 -13.45 7.75
N PHE B 264 7.14 -13.44 7.47
CA PHE B 264 7.75 -14.29 6.43
C PHE B 264 7.81 -15.79 6.73
N GLU B 265 7.62 -16.18 7.99
CA GLU B 265 7.55 -17.60 8.36
C GLU B 265 6.10 -18.10 8.38
N ALA B 266 5.30 -17.57 7.46
CA ALA B 266 3.88 -17.91 7.35
C ALA B 266 3.66 -19.34 6.87
N HIS B 267 2.49 -19.89 7.22
CA HIS B 267 2.06 -21.20 6.75
C HIS B 267 0.84 -21.07 5.82
N GLY B 268 0.56 -22.13 5.07
CA GLY B 268 -0.56 -22.15 4.14
C GLY B 268 -1.89 -22.41 4.80
N LEU B 269 -2.94 -22.48 4.00
CA LEU B 269 -4.29 -22.74 4.49
C LEU B 269 -4.78 -24.12 4.07
N GLY B 270 -5.65 -24.71 4.87
CA GLY B 270 -6.21 -26.03 4.61
C GLY B 270 -5.19 -27.13 4.82
N ASP B 271 -4.97 -27.95 3.78
CA ASP B 271 -3.96 -29.01 3.84
C ASP B 271 -2.53 -28.46 3.66
N GLU B 272 -2.43 -27.15 3.45
CA GLU B 272 -1.15 -26.47 3.39
C GLU B 272 -0.77 -25.89 4.75
N ALA B 273 -1.62 -26.14 5.75
CA ALA B 273 -1.49 -25.59 7.11
C ALA B 273 -0.16 -25.94 7.80
N ASN B 274 0.44 -27.04 7.39
CA ASN B 274 1.71 -27.50 7.95
C ASN B 274 2.87 -27.24 7.02
N THR B 275 2.58 -26.54 5.92
CA THR B 275 3.60 -26.16 4.97
C THR B 275 3.92 -24.68 5.13
N GLU B 276 5.20 -24.38 5.36
CA GLU B 276 5.68 -23.01 5.40
C GLU B 276 5.68 -22.41 4.01
N THR B 277 4.98 -21.29 3.86
CA THR B 277 4.98 -20.53 2.60
C THR B 277 4.86 -19.02 2.88
N PRO B 278 5.91 -18.26 2.51
CA PRO B 278 6.03 -16.83 2.87
C PRO B 278 4.93 -15.91 2.34
N ASN B 279 4.17 -16.37 1.34
CA ASN B 279 3.04 -15.62 0.78
C ASN B 279 1.69 -16.06 1.34
N GLY B 280 1.70 -16.93 2.34
CA GLY B 280 0.51 -17.51 2.91
C GLY B 280 -0.48 -16.51 3.48
N ALA B 281 0.00 -15.66 4.39
CA ALA B 281 -0.85 -14.63 5.01
C ALA B 281 -1.24 -13.53 4.03
N LEU B 282 -0.24 -13.00 3.29
CA LEU B 282 -0.45 -11.89 2.35
C LEU B 282 -1.52 -12.19 1.28
N ASN B 283 -1.38 -13.32 0.58
CA ASN B 283 -2.33 -13.72 -0.46
C ASN B 283 -3.74 -13.98 0.05
N SER B 284 -3.87 -14.41 1.30
CA SER B 284 -5.19 -14.59 1.92
C SER B 284 -5.87 -13.25 2.17
N LEU B 285 -5.09 -12.24 2.56
CA LEU B 285 -5.59 -10.87 2.74
C LEU B 285 -6.01 -10.21 1.43
N PHE B 286 -5.21 -10.43 0.38
CA PHE B 286 -5.54 -9.92 -0.95
C PHE B 286 -6.85 -10.52 -1.46
N ASP B 287 -7.15 -11.73 -0.98
CA ASP B 287 -8.35 -12.47 -1.36
C ASP B 287 -9.59 -11.97 -0.62
N VAL B 288 -9.48 -11.78 0.69
CA VAL B 288 -10.66 -11.49 1.53
C VAL B 288 -10.97 -10.01 1.75
N VAL B 289 -10.03 -9.12 1.46
CA VAL B 289 -10.28 -7.68 1.60
C VAL B 289 -11.09 -7.18 0.39
N ARG B 290 -12.15 -6.42 0.67
CA ARG B 290 -13.09 -5.94 -0.36
C ARG B 290 -12.51 -4.82 -1.22
N ALA B 291 -13.24 -4.50 -2.30
CA ALA B 291 -12.90 -3.38 -3.16
C ALA B 291 -13.06 -2.07 -2.40
N GLY B 292 -12.01 -1.25 -2.41
CA GLY B 292 -11.99 -0.02 -1.62
C GLY B 292 -11.48 -0.23 -0.20
N GLY B 293 -11.06 -1.46 0.10
CA GLY B 293 -10.55 -1.81 1.42
C GLY B 293 -9.07 -1.47 1.59
N ALA B 294 -8.54 -1.73 2.78
CA ALA B 294 -7.14 -1.45 3.09
C ALA B 294 -6.48 -2.56 3.91
N ILE B 295 -5.16 -2.66 3.80
CA ILE B 295 -4.39 -3.69 4.49
C ILE B 295 -3.23 -3.08 5.28
N GLY B 296 -3.10 -3.49 6.54
CA GLY B 296 -1.95 -3.19 7.37
C GLY B 296 -1.06 -4.41 7.53
N ILE B 297 0.25 -4.21 7.50
CA ILE B 297 1.19 -5.33 7.59
C ILE B 297 2.23 -5.15 8.71
N PRO B 298 1.82 -5.34 9.98
CA PRO B 298 2.78 -5.31 11.08
C PRO B 298 3.74 -6.49 11.11
N GLY B 299 3.31 -7.63 10.58
CA GLY B 299 4.17 -8.83 10.46
C GLY B 299 5.41 -8.54 9.65
N ILE B 300 6.55 -9.07 10.09
CA ILE B 300 7.85 -8.75 9.50
C ILE B 300 8.12 -9.48 8.19
N TYR B 301 8.56 -8.74 7.18
CA TYR B 301 9.08 -9.32 5.95
C TYR B 301 10.49 -8.80 5.70
N VAL B 302 11.41 -9.73 5.44
CA VAL B 302 12.83 -9.42 5.38
C VAL B 302 13.31 -9.31 3.94
N GLY B 303 14.36 -8.51 3.75
CA GLY B 303 15.00 -8.38 2.44
C GLY B 303 15.94 -9.54 2.16
N SER B 304 16.24 -10.30 3.21
CA SER B 304 17.10 -11.48 3.10
C SER B 304 16.70 -12.54 4.14
N ASP B 305 16.45 -13.75 3.65
CA ASP B 305 16.14 -14.90 4.48
C ASP B 305 17.27 -15.92 4.33
N PRO B 306 18.07 -16.15 5.41
CA PRO B 306 19.21 -17.06 5.36
C PRO B 306 18.87 -18.54 5.21
N ASP B 307 17.59 -18.89 5.40
CA ASP B 307 17.15 -20.28 5.33
C ASP B 307 15.72 -20.39 4.76
N PRO B 308 15.52 -19.99 3.49
CA PRO B 308 14.17 -19.87 2.91
C PRO B 308 13.60 -21.18 2.35
N VAL B 309 12.27 -21.21 2.18
CA VAL B 309 11.56 -22.36 1.62
C VAL B 309 11.73 -22.44 0.10
N ASN B 310 12.04 -21.31 -0.52
CA ASN B 310 12.42 -21.26 -1.93
C ASN B 310 13.45 -20.15 -2.20
N LYS B 311 14.14 -20.25 -3.33
CA LYS B 311 15.25 -19.35 -3.66
C LYS B 311 14.85 -17.86 -3.69
N ASP B 312 13.67 -17.57 -4.24
CA ASP B 312 13.16 -16.19 -4.34
C ASP B 312 12.97 -15.57 -2.95
N ALA B 313 12.36 -16.35 -2.05
CA ALA B 313 12.13 -15.93 -0.66
C ALA B 313 13.45 -15.60 0.08
N GLY B 314 14.56 -16.12 -0.43
CA GLY B 314 15.88 -15.83 0.11
C GLY B 314 16.31 -14.40 -0.12
N SER B 315 15.79 -13.80 -1.19
CA SER B 315 16.05 -12.40 -1.52
C SER B 315 14.81 -11.54 -1.25
N GLY B 316 13.93 -12.01 -0.36
CA GLY B 316 12.70 -11.30 -0.02
C GLY B 316 11.74 -11.13 -1.17
N ARG B 317 11.95 -11.88 -2.25
CA ARG B 317 11.07 -11.87 -3.40
C ARG B 317 9.95 -12.89 -3.19
N LEU B 318 8.73 -12.40 -3.09
CA LEU B 318 7.57 -13.24 -2.80
C LEU B 318 6.62 -13.33 -3.99
N HIS B 319 5.88 -14.43 -4.08
CA HIS B 319 4.95 -14.66 -5.18
C HIS B 319 3.55 -14.25 -4.76
N LEU B 320 3.17 -13.04 -5.17
CA LEU B 320 2.03 -12.34 -4.60
C LEU B 320 0.92 -12.11 -5.61
N ASP B 321 -0.31 -12.35 -5.18
CA ASP B 321 -1.49 -12.12 -6.02
C ASP B 321 -1.78 -10.63 -6.18
N PHE B 322 -0.86 -9.96 -6.89
CA PHE B 322 -0.90 -8.51 -7.03
C PHE B 322 -2.05 -8.03 -7.91
N GLY B 323 -2.30 -8.72 -9.03
CA GLY B 323 -3.36 -8.36 -9.96
C GLY B 323 -4.74 -8.33 -9.33
N LYS B 324 -5.03 -9.37 -8.55
CA LYS B 324 -6.27 -9.49 -7.79
C LYS B 324 -6.42 -8.33 -6.81
N MET B 325 -5.31 -7.97 -6.18
CA MET B 325 -5.28 -6.89 -5.19
C MET B 325 -5.44 -5.52 -5.86
N TRP B 326 -4.74 -5.32 -6.98
CA TRP B 326 -4.81 -4.08 -7.75
C TRP B 326 -6.24 -3.78 -8.22
N THR B 327 -6.92 -4.80 -8.74
CA THR B 327 -8.27 -4.66 -9.28
C THR B 327 -9.27 -4.16 -8.24
N LYS B 328 -8.97 -4.40 -6.96
CA LYS B 328 -9.87 -3.97 -5.90
C LYS B 328 -9.48 -2.61 -5.28
N SER B 329 -8.51 -1.92 -5.90
CA SER B 329 -7.99 -0.64 -5.43
C SER B 329 -7.68 -0.65 -3.93
N ILE B 330 -6.98 -1.70 -3.51
CA ILE B 330 -6.60 -1.89 -2.11
C ILE B 330 -5.37 -1.04 -1.78
N ARG B 331 -5.37 -0.47 -0.58
CA ARG B 331 -4.24 0.29 -0.05
C ARG B 331 -3.45 -0.56 0.94
N ILE B 332 -2.12 -0.45 0.89
CA ILE B 332 -1.21 -1.23 1.73
C ILE B 332 -0.25 -0.33 2.51
N MET B 333 -0.10 -0.63 3.81
CA MET B 333 0.96 -0.04 4.62
C MET B 333 1.85 -1.13 5.21
N THR B 334 3.14 -0.88 5.24
CA THR B 334 4.13 -1.85 5.68
C THR B 334 5.06 -1.28 6.75
N GLY B 335 5.95 -2.12 7.28
CA GLY B 335 7.08 -1.67 8.08
C GLY B 335 6.98 -1.76 9.59
N MET B 336 8.10 -1.45 10.26
CA MET B 336 8.12 -1.32 11.71
C MET B 336 7.12 -0.25 12.13
N ALA B 337 6.40 -0.52 13.22
CA ALA B 337 5.45 0.44 13.77
C ALA B 337 6.20 1.61 14.42
N PRO B 338 5.73 2.85 14.18
CA PRO B 338 6.29 3.98 14.92
C PRO B 338 5.63 4.08 16.30
N VAL B 339 6.16 3.33 17.27
CA VAL B 339 5.56 3.16 18.59
C VAL B 339 5.30 4.51 19.28
N THR B 340 6.20 5.47 19.06
CA THR B 340 6.07 6.82 19.62
C THR B 340 4.76 7.51 19.23
N ASN B 341 4.24 7.22 18.03
CA ASN B 341 2.98 7.77 17.56
C ASN B 341 1.73 7.28 18.32
N TYR B 342 1.81 6.12 18.97
CA TYR B 342 0.64 5.50 19.61
C TYR B 342 0.75 5.22 21.11
N ASN B 343 1.97 5.16 21.64
CA ASN B 343 2.20 4.68 23.01
C ASN B 343 1.50 5.46 24.14
N ARG B 344 1.43 6.78 23.98
CA ARG B 344 0.80 7.67 24.94
C ARG B 344 -0.72 7.45 24.99
N HIS B 345 -1.36 7.48 23.84
CA HIS B 345 -2.81 7.25 23.77
C HIS B 345 -3.21 5.86 24.25
N LEU B 346 -2.41 4.85 23.90
CA LEU B 346 -2.72 3.48 24.30
C LEU B 346 -2.55 3.27 25.81
N THR B 347 -1.55 3.93 26.39
CA THR B 347 -1.35 3.98 27.84
C THR B 347 -2.56 4.63 28.54
N GLU B 348 -3.07 5.72 27.96
CA GLU B 348 -4.25 6.41 28.50
C GLU B 348 -5.49 5.53 28.48
N ALA B 349 -5.63 4.74 27.40
CA ALA B 349 -6.74 3.79 27.27
C ALA B 349 -6.67 2.70 28.34
N ILE B 350 -5.45 2.22 28.62
CA ILE B 350 -5.26 1.21 29.68
C ILE B 350 -5.55 1.79 31.08
N LEU B 351 -4.87 2.89 31.43
CA LEU B 351 -5.02 3.50 32.76
C LEU B 351 -6.45 3.94 33.08
N TRP B 352 -7.23 4.24 32.05
CA TRP B 352 -8.62 4.67 32.23
C TRP B 352 -9.62 3.53 32.06
N ASP B 353 -9.10 2.30 32.10
CA ASP B 353 -9.88 1.07 32.14
C ASP B 353 -10.71 0.80 30.88
N GLN B 354 -10.18 1.19 29.72
CA GLN B 354 -10.89 1.02 28.46
C GLN B 354 -10.61 -0.31 27.77
N MET B 355 -9.67 -1.08 28.32
CA MET B 355 -9.24 -2.35 27.72
C MET B 355 -9.22 -3.54 28.72
N PRO B 356 -10.38 -3.89 29.31
CA PRO B 356 -10.41 -5.03 30.25
C PRO B 356 -10.23 -6.39 29.57
N TYR B 357 -10.42 -6.39 28.25
CA TYR B 357 -10.29 -7.61 27.44
C TYR B 357 -8.84 -7.92 27.05
N LEU B 358 -7.94 -6.97 27.30
CA LEU B 358 -6.54 -7.10 26.87
C LEU B 358 -5.80 -8.23 27.61
N SER B 359 -5.86 -8.19 28.95
CA SER B 359 -5.24 -9.25 29.76
C SER B 359 -5.89 -10.62 29.51
N LYS B 360 -7.22 -10.63 29.32
CA LYS B 360 -7.97 -11.85 29.04
C LYS B 360 -7.50 -12.55 27.75
N VAL B 361 -7.03 -11.72 26.81
CA VAL B 361 -6.66 -12.16 25.48
C VAL B 361 -5.17 -12.44 25.36
N MET B 362 -4.37 -11.80 26.21
CA MET B 362 -2.92 -11.87 26.10
C MET B 362 -2.26 -13.12 26.71
N ASN B 363 -2.86 -13.65 27.77
CA ASN B 363 -2.33 -14.82 28.50
C ASN B 363 -0.86 -14.62 28.90
N ILE B 364 -0.63 -13.54 29.65
CA ILE B 364 0.69 -13.18 30.15
C ILE B 364 1.19 -14.22 31.16
N GLU B 365 2.43 -14.67 30.98
CA GLU B 365 3.10 -15.53 31.97
C GLU B 365 4.42 -14.91 32.40
N VAL B 366 4.55 -14.64 33.69
CA VAL B 366 5.73 -13.99 34.22
C VAL B 366 6.80 -15.02 34.63
N ILE B 367 7.96 -14.90 34.00
CA ILE B 367 9.08 -15.81 34.23
C ILE B 367 10.30 -15.03 34.73
N THR B 368 11.31 -15.77 35.18
CA THR B 368 12.56 -15.17 35.59
C THR B 368 13.56 -15.14 34.43
N LEU B 369 14.68 -14.46 34.63
CA LEU B 369 15.71 -14.33 33.60
C LEU B 369 16.37 -15.67 33.24
N ASP B 370 16.56 -16.52 34.24
CA ASP B 370 17.13 -17.86 34.04
C ASP B 370 16.17 -18.79 33.30
N GLN B 371 14.88 -18.55 33.45
CA GLN B 371 13.81 -19.33 32.78
C GLN B 371 13.55 -18.94 31.32
N ALA B 372 14.20 -17.87 30.86
CA ALA B 372 13.97 -17.29 29.52
C ALA B 372 14.19 -18.27 28.33
N PRO B 373 15.33 -18.99 28.30
CA PRO B 373 15.50 -19.97 27.21
C PRO B 373 14.39 -21.03 27.15
N ASP B 374 13.92 -21.49 28.31
CA ASP B 374 12.75 -22.38 28.38
C ASP B 374 11.51 -21.72 27.79
N GLY B 375 11.33 -20.44 28.09
CA GLY B 375 10.24 -19.61 27.53
C GLY B 375 10.30 -19.53 26.01
N TYR B 376 11.47 -19.18 25.48
CA TYR B 376 11.71 -19.17 24.04
C TYR B 376 11.36 -20.51 23.39
N ALA B 377 11.80 -21.60 24.01
CA ALA B 377 11.57 -22.95 23.49
C ALA B 377 10.08 -23.32 23.52
N LYS B 378 9.40 -22.97 24.61
CA LYS B 378 7.96 -23.17 24.73
C LYS B 378 7.19 -22.35 23.69
N PHE B 379 7.63 -21.10 23.50
CA PHE B 379 7.04 -20.20 22.51
C PHE B 379 7.24 -20.74 21.10
N ASP B 380 8.46 -21.23 20.84
CA ASP B 380 8.80 -21.86 19.55
C ASP B 380 7.87 -23.03 19.20
N LYS B 381 7.33 -23.70 20.22
CA LYS B 381 6.44 -24.84 20.00
C LYS B 381 4.95 -24.49 20.07
N GLY B 382 4.64 -23.22 19.80
CA GLY B 382 3.26 -22.77 19.63
C GLY B 382 2.50 -22.48 20.91
N SER B 383 3.22 -22.21 21.99
CA SER B 383 2.61 -21.83 23.27
C SER B 383 1.70 -20.63 23.13
N PRO B 384 0.50 -20.67 23.75
CA PRO B 384 -0.43 -19.55 23.72
C PRO B 384 -0.10 -18.49 24.79
N ALA B 385 1.13 -18.49 25.28
CA ALA B 385 1.53 -17.55 26.32
C ALA B 385 2.27 -16.34 25.76
N LYS B 386 2.14 -15.20 26.43
CA LYS B 386 3.04 -14.08 26.21
C LYS B 386 4.01 -14.02 27.39
N PHE B 387 5.25 -14.40 27.12
CA PHE B 387 6.26 -14.46 28.17
C PHE B 387 6.84 -13.09 28.47
N VAL B 388 6.79 -12.73 29.75
CA VAL B 388 7.30 -11.47 30.25
C VAL B 388 8.31 -11.79 31.35
N ILE B 389 9.55 -11.36 31.14
CA ILE B 389 10.63 -11.60 32.08
C ILE B 389 10.73 -10.49 33.11
N ASP B 390 10.81 -10.88 34.38
CA ASP B 390 11.01 -9.98 35.51
C ASP B 390 12.38 -10.24 36.15
N PRO B 391 13.43 -9.53 35.68
CA PRO B 391 14.82 -9.81 36.06
C PRO B 391 15.23 -9.40 37.47
N HIS B 392 14.39 -8.64 38.17
CA HIS B 392 14.70 -8.19 39.52
C HIS B 392 13.62 -8.58 40.54
N GLY B 393 12.62 -9.32 40.09
CA GLY B 393 11.50 -9.73 40.95
C GLY B 393 10.65 -8.56 41.43
N MET B 394 10.45 -7.58 40.54
CA MET B 394 9.69 -6.36 40.88
C MET B 394 8.18 -6.52 40.70
N LEU B 395 7.75 -7.62 40.10
CA LEU B 395 6.34 -7.86 39.81
C LEU B 395 5.66 -8.77 40.84
N LYS B 396 6.06 -8.63 42.10
CA LYS B 396 5.53 -9.44 43.22
C LYS B 396 5.71 -10.93 42.93
N ASN B 397 4.59 -11.66 42.92
CA ASN B 397 4.53 -13.04 42.42
C ASN B 397 3.08 -13.40 42.11
N LYS B 398 2.68 -13.18 40.86
CA LYS B 398 1.33 -13.45 40.35
C LYS B 398 0.25 -12.67 41.09
ZN ZN C . -22.02 2.93 -7.30
ZN ZN D . -7.47 4.74 -20.16
PA NAD E . 1.73 2.86 -22.66
O1A NAD E . 1.73 1.40 -22.66
O2A NAD E . 1.97 3.38 -24.01
O5B NAD E . 2.82 3.43 -21.60
C5B NAD E . 3.73 2.57 -20.93
C4B NAD E . 5.16 3.09 -21.12
O4B NAD E . 6.01 2.54 -20.13
C3B NAD E . 5.75 2.70 -22.47
O3B NAD E . 6.20 3.88 -23.12
C2B NAD E . 6.92 1.77 -22.16
O2B NAD E . 8.05 2.00 -23.00
C1B NAD E . 7.24 2.15 -20.72
N9A NAD E . 7.84 1.08 -19.89
C8A NAD E . 7.84 -0.28 -20.07
N7A NAD E . 8.49 -0.85 -19.03
C5A NAD E . 8.91 0.13 -18.18
C6A NAD E . 9.62 0.12 -16.98
N6A NAD E . 9.96 -1.03 -16.41
N1A NAD E . 9.90 1.31 -16.34
C2A NAD E . 9.48 2.50 -16.89
N3A NAD E . 8.78 2.50 -18.08
C4A NAD E . 8.51 1.34 -18.72
O3 NAD E . 0.27 3.29 -22.15
PN NAD E . -0.24 4.58 -21.33
O1N NAD E . -1.42 5.10 -22.07
O2N NAD E . 0.85 5.50 -20.97
O5D NAD E . -0.78 3.87 -20.00
C5D NAD E . 0.11 3.29 -19.06
C4D NAD E . -0.64 2.35 -18.14
O4D NAD E . -1.68 3.02 -17.45
C3D NAD E . -1.32 1.22 -18.91
O3D NAD E . -1.03 0.01 -18.27
C2D NAD E . -2.79 1.53 -18.80
O2D NAD E . -3.56 0.35 -18.89
C1D NAD E . -2.85 2.22 -17.43
N1N NAD E . -4.08 2.99 -17.12
C2N NAD E . -4.66 2.89 -15.88
C3N NAD E . -5.82 3.61 -15.52
C7N NAD E . -6.14 3.94 -14.07
O7N NAD E . -7.24 4.78 -13.79
N7N NAD E . -5.39 3.45 -13.07
C4N NAD E . -6.38 4.46 -16.49
C5N NAD E . -5.78 4.57 -17.75
C6N NAD E . -4.63 3.84 -18.06
ZN ZN F . 16.00 9.90 13.69
ZN ZN G . 8.60 -7.28 18.88
PA NAD H . 3.99 -15.45 16.20
O1A NAD H . 5.13 -15.26 15.26
O2A NAD H . 4.03 -16.80 16.79
O5B NAD H . 2.57 -15.21 15.49
C5B NAD H . 2.30 -15.71 14.19
C4B NAD H . 1.05 -16.56 14.26
O4B NAD H . 0.42 -16.60 12.99
C3B NAD H . 1.33 -18.00 14.67
O3B NAD H . 0.56 -18.31 15.80
C2B NAD H . 0.96 -18.84 13.45
O2B NAD H . 0.33 -20.06 13.80
C1B NAD H . 0.00 -17.93 12.70
N9A NAD H . -0.02 -18.10 11.23
C8A NAD H . 0.92 -18.73 10.43
N7A NAD H . 0.50 -18.66 9.14
C5A NAD H . -0.68 -18.00 9.11
C6A NAD H . -1.53 -17.63 8.08
N6A NAD H . -1.21 -17.90 6.81
N1A NAD H . -2.69 -16.92 8.34
C2A NAD H . -3.01 -16.59 9.65
N3A NAD H . -2.16 -16.96 10.68
C4A NAD H . -1.01 -17.64 10.40
O3 NAD H . 4.11 -14.37 17.38
PN NAD H . 3.90 -12.78 17.27
O1N NAD H . 4.72 -12.22 18.37
O2N NAD H . 2.45 -12.54 17.25
O5D NAD H . 4.59 -12.32 15.88
C5D NAD H . 3.86 -11.72 14.84
C4D NAD H . 4.73 -10.96 13.83
O4D NAD H . 4.82 -9.59 14.17
C3D NAD H . 6.17 -11.48 13.72
O3D NAD H . 6.51 -11.68 12.35
C2D NAD H . 6.99 -10.35 14.28
O2D NAD H . 8.27 -10.31 13.68
C1D NAD H . 6.14 -9.14 13.94
N1N NAD H . 6.47 -7.89 14.68
C2N NAD H . 6.68 -6.73 13.95
C3N NAD H . 6.97 -5.50 14.57
C7N NAD H . 6.47 -4.22 13.95
O7N NAD H . 6.43 -3.05 14.74
N7N NAD H . 6.06 -4.20 12.68
C4N NAD H . 7.10 -5.51 15.97
C5N NAD H . 6.89 -6.68 16.70
C6N NAD H . 6.57 -7.87 16.04
#